data_8ZDE
#
_entry.id   8ZDE
#
_cell.length_a   262.113
_cell.length_b   55.705
_cell.length_c   117.525
_cell.angle_alpha   90.00
_cell.angle_beta   101.35
_cell.angle_gamma   90.00
#
_symmetry.space_group_name_H-M   'C 1 2 1'
#
loop_
_entity.id
_entity.type
_entity.pdbx_description
1 polymer 'MarR-family transcriptional regulator'
2 polymer "DNA (5'-D(*AP*TP*TP*AP*GP*TP*TP*TP*GP*TP*AP*TP*GP*CP*AP*AP*AP*CP*CP*AP*TP*T)-3')"
3 polymer "DNA (5'-D(*AP*AP*TP*GP*GP*TP*TP*TP*GP*CP*AP*TP*AP*CP*AP*AP*AP*CP*TP*AP*AP*T)-3')"
4 non-polymer 'POTASSIUM ION'
5 water water
#
loop_
_entity_poly.entity_id
_entity_poly.type
_entity_poly.pdbx_seq_one_letter_code
_entity_poly.pdbx_strand_id
1 'polypeptide(L)'
;MGSSHHHHHHSSGLVPRGSHMILLKSNYDCFRIAMLLKELYSKTMYTVEENFKENGLTHQQIIVIKLVAHNQELTISQLC
DEMSLAKGTVSGIISRLEQIGYIEKFKKSNDKRNTYVKFTTTGFEFATNFKIKMQESFDDIFKNCDENELSDLVKNLRNI
LAKVKER
;
A,B,C,D,E,F
2 'polydeoxyribonucleotide'
;(DA)(DT)(DT)(DA)(DG)(DT)(DT)(DT)(DG)(DT)(DA)(DT)(DG)(DC)(DA)(DA)(DA)(DC)(DC)(DA)
(DT)(DT)
;
G,I,K
3 'polydeoxyribonucleotide'
;(DA)(DA)(DT)(DG)(DG)(DT)(DT)(DT)(DG)(DC)(DA)(DT)(DA)(DC)(DA)(DA)(DA)(DC)(DT)(DA)
(DA)(DT)
;
H,J,L
#
# COMPACT_ATOMS: atom_id res chain seq x y z
N TYR A 28 5.38 -34.06 37.27
CA TYR A 28 4.26 -34.30 36.32
C TYR A 28 4.70 -35.03 35.06
N ASP A 29 3.98 -36.12 34.74
CA ASP A 29 4.36 -37.00 33.63
C ASP A 29 3.75 -36.50 32.34
N CYS A 30 4.46 -35.60 31.69
CA CYS A 30 3.99 -34.97 30.48
C CYS A 30 3.75 -35.93 29.31
N PHE A 31 4.25 -37.16 29.41
CA PHE A 31 3.80 -38.22 28.53
C PHE A 31 2.30 -38.48 28.72
N ARG A 32 1.87 -38.82 29.94
CA ARG A 32 0.44 -39.01 30.21
C ARG A 32 -0.39 -37.79 29.69
N ILE A 33 0.20 -36.60 29.78
CA ILE A 33 -0.43 -35.39 29.30
C ILE A 33 -0.56 -35.42 27.78
N ALA A 34 0.54 -35.72 27.07
CA ALA A 34 0.55 -35.83 25.60
C ALA A 34 -0.51 -36.81 25.05
N MET A 35 -0.56 -37.99 25.66
CA MET A 35 -1.46 -39.05 25.26
C MET A 35 -2.89 -38.63 25.54
N LEU A 36 -3.07 -37.90 26.64
CA LEU A 36 -4.33 -37.26 26.95
C LEU A 36 -4.80 -36.29 25.85
N LEU A 37 -3.94 -35.45 25.30
CA LEU A 37 -4.33 -34.67 24.13
C LEU A 37 -4.56 -35.59 22.96
N LYS A 38 -3.59 -36.47 22.73
CA LYS A 38 -3.71 -37.42 21.63
C LYS A 38 -5.16 -37.92 21.59
N GLU A 39 -5.70 -38.31 22.76
CA GLU A 39 -7.05 -38.86 22.86
C GLU A 39 -8.10 -37.83 22.40
N LEU A 40 -8.08 -36.64 22.96
CA LEU A 40 -9.13 -35.65 22.65
C LEU A 40 -9.05 -35.25 21.21
N TYR A 41 -7.84 -34.91 20.79
CA TYR A 41 -7.50 -34.52 19.42
C TYR A 41 -7.98 -35.55 18.39
N SER A 42 -7.59 -36.80 18.60
CA SER A 42 -7.96 -37.89 17.71
C SER A 42 -9.45 -37.95 17.53
N LYS A 43 -10.14 -37.95 18.66
CA LYS A 43 -11.58 -38.11 18.70
C LYS A 43 -12.28 -36.96 17.93
N THR A 44 -11.85 -35.71 18.10
CA THR A 44 -12.54 -34.62 17.39
C THR A 44 -12.38 -34.77 15.86
N MET A 45 -11.14 -34.90 15.41
CA MET A 45 -10.83 -34.86 13.98
C MET A 45 -11.39 -36.03 13.21
N TYR A 46 -11.35 -37.24 13.79
CA TYR A 46 -11.80 -38.41 13.06
C TYR A 46 -13.31 -38.58 13.14
N THR A 47 -13.94 -37.89 14.08
CA THR A 47 -15.37 -37.67 14.03
C THR A 47 -15.69 -36.82 12.81
N VAL A 48 -14.92 -35.76 12.62
CA VAL A 48 -15.14 -34.92 11.48
C VAL A 48 -14.97 -35.73 10.20
N GLU A 49 -14.01 -36.66 10.18
CA GLU A 49 -13.83 -37.55 9.02
C GLU A 49 -15.07 -38.34 8.73
N GLU A 50 -15.60 -38.99 9.76
CA GLU A 50 -16.84 -39.75 9.66
C GLU A 50 -17.99 -38.92 9.11
N ASN A 51 -18.25 -37.77 9.72
CA ASN A 51 -19.39 -36.95 9.31
C ASN A 51 -19.28 -36.61 7.83
N PHE A 52 -18.06 -36.34 7.37
CA PHE A 52 -17.81 -36.01 5.95
C PHE A 52 -17.30 -37.14 5.05
N LYS A 53 -17.39 -38.37 5.52
CA LYS A 53 -16.97 -39.52 4.72
C LYS A 53 -17.87 -39.55 3.48
N GLU A 54 -19.16 -39.31 3.68
CA GLU A 54 -20.16 -39.32 2.59
C GLU A 54 -19.88 -38.35 1.43
N ASN A 55 -19.29 -37.19 1.73
CA ASN A 55 -18.97 -36.19 0.71
C ASN A 55 -17.51 -36.29 0.15
N GLY A 56 -16.75 -37.31 0.54
CA GLY A 56 -15.42 -37.53 -0.03
C GLY A 56 -14.33 -36.59 0.47
N LEU A 57 -14.53 -36.07 1.68
CA LEU A 57 -13.58 -35.14 2.20
C LEU A 57 -13.00 -35.66 3.49
N THR A 58 -11.68 -35.52 3.58
CA THR A 58 -10.92 -35.71 4.80
C THR A 58 -11.16 -34.56 5.77
N HIS A 59 -10.85 -34.78 7.04
CA HIS A 59 -11.00 -33.74 8.02
C HIS A 59 -10.13 -32.52 7.75
N GLN A 60 -8.96 -32.76 7.15
CA GLN A 60 -8.02 -31.69 6.77
C GLN A 60 -8.55 -30.81 5.62
N GLN A 61 -9.08 -31.47 4.59
CA GLN A 61 -9.80 -30.79 3.53
C GLN A 61 -10.86 -29.89 4.12
N ILE A 62 -11.65 -30.45 5.03
CA ILE A 62 -12.71 -29.71 5.69
C ILE A 62 -12.12 -28.55 6.49
N ILE A 63 -11.07 -28.79 7.29
CA ILE A 63 -10.33 -27.68 7.93
C ILE A 63 -9.99 -26.56 6.92
N VAL A 64 -9.47 -26.92 5.74
CA VAL A 64 -9.04 -25.93 4.75
C VAL A 64 -10.22 -25.10 4.27
N ILE A 65 -11.28 -25.80 3.86
CA ILE A 65 -12.51 -25.20 3.37
C ILE A 65 -13.09 -24.30 4.45
N LYS A 66 -13.10 -24.74 5.68
CA LYS A 66 -13.57 -23.88 6.72
C LYS A 66 -12.71 -22.65 6.83
N LEU A 67 -11.42 -22.77 6.55
CA LEU A 67 -10.52 -21.64 6.73
C LEU A 67 -10.61 -20.66 5.57
N VAL A 68 -10.83 -21.15 4.38
CA VAL A 68 -11.00 -20.26 3.26
C VAL A 68 -12.34 -19.57 3.38
N ALA A 69 -13.36 -20.33 3.69
CA ALA A 69 -14.70 -19.72 3.76
C ALA A 69 -14.78 -18.56 4.75
N HIS A 70 -13.78 -18.43 5.62
CA HIS A 70 -13.69 -17.33 6.56
C HIS A 70 -12.82 -16.19 6.02
N ASN A 71 -11.65 -16.53 5.48
CA ASN A 71 -10.68 -15.55 4.98
C ASN A 71 -10.68 -15.23 3.47
N GLN A 72 -11.53 -15.88 2.67
CA GLN A 72 -11.59 -15.64 1.20
C GLN A 72 -10.33 -16.11 0.43
N GLU A 73 -9.16 -15.50 0.70
CA GLU A 73 -7.87 -15.93 0.13
C GLU A 73 -6.83 -16.12 1.22
N LEU A 74 -5.90 -17.04 1.01
CA LEU A 74 -4.80 -17.30 1.95
C LEU A 74 -3.53 -17.73 1.22
N THR A 75 -2.39 -17.26 1.72
CA THR A 75 -1.09 -17.77 1.34
C THR A 75 -0.89 -19.15 1.95
N ILE A 76 -0.36 -20.08 1.17
CA ILE A 76 0.13 -21.34 1.71
C ILE A 76 0.78 -21.09 3.07
N SER A 77 1.62 -20.07 3.17
CA SER A 77 2.27 -19.76 4.45
C SER A 77 1.25 -19.55 5.58
N GLN A 78 0.19 -18.80 5.33
CA GLN A 78 -0.83 -18.57 6.38
C GLN A 78 -1.60 -19.82 6.76
N LEU A 79 -1.94 -20.64 5.76
CA LEU A 79 -2.47 -21.97 6.02
C LEU A 79 -1.59 -22.71 7.04
N CYS A 80 -0.31 -22.91 6.72
CA CYS A 80 0.65 -23.52 7.66
C CYS A 80 0.49 -23.02 9.05
N ASP A 81 0.43 -21.71 9.23
CA ASP A 81 0.30 -21.14 10.56
C ASP A 81 -1.01 -21.57 11.14
N GLU A 82 -2.09 -21.30 10.40
CA GLU A 82 -3.48 -21.64 10.77
C GLU A 82 -3.77 -23.11 11.12
N MET A 83 -3.28 -24.04 10.30
CA MET A 83 -3.44 -25.49 10.53
C MET A 83 -2.29 -26.13 11.33
N SER A 84 -1.36 -25.34 11.87
CA SER A 84 -0.25 -25.85 12.67
C SER A 84 0.41 -26.98 11.94
N LEU A 85 0.93 -26.69 10.77
CA LEU A 85 1.29 -27.70 9.77
C LEU A 85 2.46 -27.21 8.88
N ALA A 86 3.37 -28.10 8.50
CA ALA A 86 4.52 -27.71 7.68
C ALA A 86 4.14 -27.39 6.23
N LYS A 87 4.94 -26.53 5.59
CA LYS A 87 4.68 -26.07 4.22
C LYS A 87 4.52 -27.18 3.22
N GLY A 88 5.39 -28.19 3.34
CA GLY A 88 5.40 -29.38 2.47
C GLY A 88 4.14 -30.23 2.50
N THR A 89 3.42 -30.18 3.62
CA THR A 89 2.15 -30.89 3.79
C THR A 89 0.94 -30.11 3.27
N VAL A 90 0.85 -28.85 3.68
CA VAL A 90 -0.12 -27.90 3.14
C VAL A 90 -0.03 -27.89 1.62
N SER A 91 1.21 -27.77 1.11
CA SER A 91 1.45 -27.90 -0.31
C SER A 91 0.69 -29.11 -0.88
N GLY A 92 0.97 -30.28 -0.34
CA GLY A 92 0.33 -31.48 -0.83
C GLY A 92 -1.19 -31.37 -0.81
N ILE A 93 -1.72 -30.84 0.28
CA ILE A 93 -3.16 -30.83 0.50
C ILE A 93 -3.88 -29.92 -0.49
N ILE A 94 -3.35 -28.72 -0.63
CA ILE A 94 -3.97 -27.72 -1.50
C ILE A 94 -3.95 -28.18 -2.99
N SER A 95 -2.84 -28.77 -3.42
CA SER A 95 -2.77 -29.33 -4.76
C SER A 95 -3.89 -30.37 -4.89
N ARG A 96 -3.90 -31.37 -4.03
CA ARG A 96 -4.91 -32.43 -4.15
C ARG A 96 -6.33 -31.88 -4.10
N LEU A 97 -6.53 -30.76 -3.42
CA LEU A 97 -7.80 -30.06 -3.47
C LEU A 97 -8.07 -29.41 -4.81
N GLU A 98 -7.05 -28.75 -5.36
CA GLU A 98 -7.15 -28.16 -6.70
C GLU A 98 -7.66 -29.20 -7.70
N GLN A 99 -7.04 -30.39 -7.69
CA GLN A 99 -7.40 -31.46 -8.64
C GLN A 99 -8.86 -31.87 -8.51
N ILE A 100 -9.38 -31.81 -7.29
CA ILE A 100 -10.78 -32.06 -6.98
C ILE A 100 -11.67 -30.92 -7.48
N GLY A 101 -11.12 -29.72 -7.67
CA GLY A 101 -11.89 -28.60 -8.24
C GLY A 101 -12.76 -27.91 -7.21
N TYR A 102 -12.17 -27.70 -6.05
CA TYR A 102 -12.80 -27.00 -4.95
C TYR A 102 -12.08 -25.68 -4.73
N ILE A 103 -10.76 -25.70 -4.71
CA ILE A 103 -9.97 -24.49 -4.58
C ILE A 103 -9.29 -24.18 -5.90
N GLU A 104 -8.73 -22.98 -5.94
CA GLU A 104 -7.93 -22.47 -7.05
C GLU A 104 -6.73 -21.78 -6.46
N LYS A 105 -5.56 -22.04 -7.01
CA LYS A 105 -4.38 -21.28 -6.63
C LYS A 105 -4.24 -20.11 -7.60
N PHE A 106 -3.61 -19.03 -7.15
CA PHE A 106 -3.26 -17.92 -8.04
C PHE A 106 -2.09 -17.15 -7.47
N LYS A 107 -1.43 -16.39 -8.35
CA LYS A 107 -0.25 -15.62 -7.98
C LYS A 107 -0.55 -14.13 -8.23
N LYS A 108 -0.05 -13.26 -7.36
CA LYS A 108 -0.36 -11.84 -7.47
C LYS A 108 0.67 -11.10 -8.32
N SER A 109 0.17 -10.21 -9.18
CA SER A 109 1.00 -9.49 -10.14
C SER A 109 2.27 -8.97 -9.51
N ASN A 110 2.16 -8.27 -8.38
CA ASN A 110 3.34 -7.64 -7.82
C ASN A 110 4.41 -8.67 -7.45
N ASP A 111 4.06 -9.65 -6.61
CA ASP A 111 5.02 -10.65 -6.08
C ASP A 111 4.55 -12.03 -6.51
N LYS A 112 5.27 -12.60 -7.48
CA LYS A 112 4.88 -13.84 -8.17
C LYS A 112 5.39 -15.13 -7.46
N ARG A 113 5.94 -15.00 -6.25
CA ARG A 113 6.36 -16.15 -5.44
C ARG A 113 5.21 -16.66 -4.58
N ASN A 114 4.69 -15.78 -3.71
CA ASN A 114 3.54 -16.10 -2.88
C ASN A 114 2.45 -16.75 -3.74
N THR A 115 1.95 -17.91 -3.30
CA THR A 115 0.79 -18.58 -3.95
C THR A 115 -0.43 -18.45 -3.04
N TYR A 116 -1.55 -18.11 -3.64
CA TYR A 116 -2.76 -17.76 -2.91
C TYR A 116 -3.76 -18.83 -3.24
N VAL A 117 -4.70 -19.01 -2.32
CA VAL A 117 -5.74 -20.02 -2.45
C VAL A 117 -7.09 -19.36 -2.22
N LYS A 118 -8.04 -19.60 -3.12
CA LYS A 118 -9.46 -19.20 -2.91
C LYS A 118 -10.40 -20.24 -3.50
N PHE A 119 -11.70 -20.07 -3.25
CA PHE A 119 -12.69 -21.02 -3.78
C PHE A 119 -12.83 -20.92 -5.27
N THR A 120 -13.22 -22.04 -5.88
CA THR A 120 -13.86 -22.08 -7.18
C THR A 120 -15.37 -21.98 -6.95
N THR A 121 -16.12 -21.94 -8.04
CA THR A 121 -17.58 -21.96 -8.03
C THR A 121 -18.17 -23.05 -7.14
N THR A 122 -17.64 -24.24 -7.33
CA THR A 122 -18.05 -25.42 -6.57
C THR A 122 -17.60 -25.32 -5.13
N GLY A 123 -16.37 -24.84 -4.94
CA GLY A 123 -15.87 -24.51 -3.61
C GLY A 123 -16.85 -23.62 -2.86
N PHE A 124 -17.18 -22.48 -3.45
CA PHE A 124 -18.17 -21.60 -2.84
C PHE A 124 -19.49 -22.33 -2.63
N GLU A 125 -19.94 -23.05 -3.65
CA GLU A 125 -21.24 -23.71 -3.57
C GLU A 125 -21.27 -24.76 -2.43
N PHE A 126 -20.15 -25.45 -2.22
CA PHE A 126 -20.03 -26.46 -1.16
C PHE A 126 -20.06 -25.81 0.21
N ALA A 127 -19.16 -24.83 0.39
CA ALA A 127 -19.06 -24.12 1.66
C ALA A 127 -20.41 -23.59 2.10
N THR A 128 -21.15 -23.06 1.12
CA THR A 128 -22.48 -22.53 1.34
C THR A 128 -23.49 -23.62 1.70
N ASN A 129 -23.50 -24.71 0.94
CA ASN A 129 -24.49 -25.77 1.14
C ASN A 129 -24.26 -26.54 2.41
N PHE A 130 -23.00 -26.64 2.79
CA PHE A 130 -22.61 -27.38 3.99
C PHE A 130 -22.14 -26.51 5.16
N LYS A 131 -22.14 -25.19 5.00
CA LYS A 131 -21.81 -24.26 6.09
C LYS A 131 -22.28 -24.76 7.46
N ILE A 132 -23.58 -25.07 7.51
CA ILE A 132 -24.25 -25.60 8.70
C ILE A 132 -23.68 -26.93 9.20
N LYS A 133 -23.45 -27.89 8.30
CA LYS A 133 -22.91 -29.20 8.69
C LYS A 133 -21.47 -29.08 9.21
N MET A 134 -20.63 -28.34 8.48
CA MET A 134 -19.28 -28.09 8.93
C MET A 134 -19.29 -27.46 10.28
N GLN A 135 -20.17 -26.48 10.47
CA GLN A 135 -20.28 -25.85 11.76
C GLN A 135 -20.74 -26.88 12.81
N GLU A 136 -21.73 -27.73 12.50
CA GLU A 136 -22.17 -28.73 13.50
C GLU A 136 -21.23 -29.93 13.78
N SER A 137 -20.37 -30.30 12.85
CA SER A 137 -19.47 -31.43 13.10
C SER A 137 -18.63 -31.21 14.32
N PHE A 138 -17.98 -30.05 14.38
CA PHE A 138 -17.09 -29.68 15.50
C PHE A 138 -17.95 -29.39 16.73
N ASP A 139 -18.98 -28.59 16.55
CA ASP A 139 -19.84 -28.17 17.65
C ASP A 139 -20.56 -29.34 18.37
N ASP A 140 -21.04 -30.35 17.63
CA ASP A 140 -21.76 -31.47 18.25
C ASP A 140 -20.83 -32.44 18.95
N ILE A 141 -19.52 -32.22 18.82
CA ILE A 141 -18.57 -33.06 19.54
C ILE A 141 -18.64 -32.70 21.00
N PHE A 142 -18.77 -31.42 21.28
CA PHE A 142 -18.72 -30.95 22.66
C PHE A 142 -20.06 -30.61 23.25
N LYS A 143 -21.15 -30.94 22.56
CA LYS A 143 -22.52 -30.60 23.02
C LYS A 143 -22.79 -30.86 24.51
N ASN A 144 -22.35 -32.01 25.02
CA ASN A 144 -22.55 -32.30 26.45
C ASN A 144 -21.71 -31.46 27.39
N CYS A 145 -20.81 -30.64 26.87
CA CYS A 145 -20.11 -29.68 27.70
C CYS A 145 -20.87 -28.35 27.78
N ASP A 146 -20.57 -27.62 28.85
CA ASP A 146 -21.16 -26.32 29.04
C ASP A 146 -20.20 -25.30 28.50
N GLU A 147 -20.71 -24.13 28.17
CA GLU A 147 -19.87 -23.10 27.59
C GLU A 147 -18.75 -22.75 28.51
N ASN A 148 -19.02 -22.76 29.80
CA ASN A 148 -17.99 -22.45 30.75
C ASN A 148 -16.94 -23.50 30.62
N GLU A 149 -17.31 -24.74 30.86
CA GLU A 149 -16.35 -25.84 30.69
C GLU A 149 -15.54 -25.75 29.38
N LEU A 150 -16.16 -25.32 28.28
CA LEU A 150 -15.42 -25.18 27.03
C LEU A 150 -14.35 -24.10 27.16
N SER A 151 -14.77 -22.88 27.49
CA SER A 151 -13.85 -21.70 27.58
C SER A 151 -12.76 -21.85 28.65
N ASP A 152 -13.11 -22.49 29.76
CA ASP A 152 -12.11 -22.85 30.74
C ASP A 152 -11.00 -23.71 30.07
N LEU A 153 -11.36 -24.60 29.14
CA LEU A 153 -10.34 -25.36 28.37
C LEU A 153 -9.55 -24.46 27.43
N VAL A 154 -10.24 -23.65 26.66
CA VAL A 154 -9.59 -22.74 25.75
C VAL A 154 -8.57 -21.84 26.50
N LYS A 155 -8.93 -21.44 27.72
CA LYS A 155 -8.07 -20.54 28.50
C LYS A 155 -6.76 -21.23 28.79
N ASN A 156 -6.83 -22.41 29.40
CA ASN A 156 -5.66 -23.28 29.63
C ASN A 156 -4.83 -23.54 28.38
N LEU A 157 -5.52 -23.83 27.28
CA LEU A 157 -4.83 -24.19 26.08
C LEU A 157 -4.01 -22.99 25.69
N ARG A 158 -4.67 -21.84 25.52
CA ARG A 158 -4.00 -20.57 25.13
C ARG A 158 -2.89 -20.22 26.09
N ASN A 159 -3.16 -20.41 27.38
CA ASN A 159 -2.20 -20.19 28.46
C ASN A 159 -0.97 -21.04 28.20
N ILE A 160 -1.10 -22.35 28.36
CA ILE A 160 0.03 -23.29 28.18
C ILE A 160 0.71 -23.11 26.83
N LEU A 161 -0.09 -22.92 25.80
CA LEU A 161 0.45 -22.76 24.46
C LEU A 161 1.47 -21.61 24.43
N ALA A 162 1.15 -20.55 25.19
CA ALA A 162 2.00 -19.38 25.32
C ALA A 162 3.23 -19.71 26.14
N LYS A 163 3.03 -20.35 27.28
CA LYS A 163 4.17 -20.76 28.13
C LYS A 163 5.20 -21.59 27.36
N VAL A 164 4.70 -22.53 26.55
CA VAL A 164 5.52 -23.40 25.70
C VAL A 164 6.38 -22.60 24.71
N LYS A 165 5.76 -21.64 24.03
CA LYS A 165 6.49 -20.75 23.12
C LYS A 165 7.42 -19.77 23.87
N GLU A 166 8.62 -20.27 24.21
CA GLU A 166 9.65 -19.51 24.96
C GLU A 166 9.27 -19.32 26.42
N MET B 21 -35.62 -16.92 4.24
CA MET B 21 -34.37 -16.34 4.83
C MET B 21 -33.84 -17.16 6.01
N ILE B 22 -32.63 -17.71 5.86
CA ILE B 22 -31.94 -18.47 6.92
C ILE B 22 -31.85 -17.70 8.24
N LEU B 23 -31.98 -18.45 9.34
CA LEU B 23 -31.63 -18.01 10.69
C LEU B 23 -30.61 -19.00 11.24
N LEU B 24 -29.32 -18.77 10.94
CA LEU B 24 -28.27 -19.73 11.34
C LEU B 24 -27.99 -19.65 12.86
N LYS B 25 -28.31 -20.74 13.56
CA LYS B 25 -28.22 -20.83 15.01
C LYS B 25 -26.75 -20.73 15.41
N SER B 26 -26.34 -19.55 15.84
CA SER B 26 -24.96 -19.35 16.31
C SER B 26 -24.82 -19.98 17.69
N ASN B 27 -23.59 -20.35 18.00
CA ASN B 27 -23.27 -21.25 19.11
C ASN B 27 -21.85 -20.89 19.62
N TYR B 28 -21.09 -21.87 20.08
CA TYR B 28 -19.72 -21.65 20.55
C TYR B 28 -18.76 -22.28 19.54
N ASP B 29 -17.62 -21.62 19.35
CA ASP B 29 -16.67 -21.95 18.28
C ASP B 29 -15.75 -23.11 18.66
N CYS B 30 -16.22 -24.33 18.43
CA CYS B 30 -15.42 -25.54 18.68
C CYS B 30 -14.40 -25.81 17.61
N PHE B 31 -14.52 -25.19 16.44
CA PHE B 31 -13.43 -25.19 15.50
C PHE B 31 -12.19 -24.57 16.14
N ARG B 32 -12.33 -23.46 16.86
CA ARG B 32 -11.19 -22.87 17.57
C ARG B 32 -10.52 -23.87 18.50
N ILE B 33 -11.34 -24.64 19.21
CA ILE B 33 -10.81 -25.59 20.18
C ILE B 33 -9.99 -26.65 19.46
N ALA B 34 -10.46 -27.12 18.31
CA ALA B 34 -9.72 -28.11 17.51
C ALA B 34 -8.34 -27.61 17.07
N MET B 35 -8.28 -26.39 16.56
CA MET B 35 -7.06 -25.82 16.02
C MET B 35 -5.99 -25.55 17.07
N LEU B 36 -6.43 -25.14 18.27
CA LEU B 36 -5.54 -24.99 19.43
C LEU B 36 -5.01 -26.32 19.91
N LEU B 37 -5.93 -27.26 20.12
CA LEU B 37 -5.58 -28.65 20.40
C LEU B 37 -4.53 -29.09 19.44
N LYS B 38 -4.85 -28.95 18.14
CA LYS B 38 -3.95 -29.35 17.07
C LYS B 38 -2.58 -28.70 17.30
N GLU B 39 -2.55 -27.39 17.47
CA GLU B 39 -1.28 -26.72 17.68
C GLU B 39 -0.52 -27.27 18.89
N LEU B 40 -1.16 -27.38 20.04
CA LEU B 40 -0.44 -27.86 21.21
C LEU B 40 0.08 -29.29 21.00
N TYR B 41 -0.73 -30.08 20.29
CA TYR B 41 -0.44 -31.49 20.05
C TYR B 41 0.78 -31.57 19.16
N SER B 42 0.66 -30.89 18.02
CA SER B 42 1.70 -30.83 17.00
C SER B 42 3.07 -30.46 17.53
N LYS B 43 3.15 -29.33 18.23
CA LYS B 43 4.39 -28.86 18.83
C LYS B 43 5.00 -29.88 19.80
N THR B 44 4.17 -30.56 20.57
CA THR B 44 4.65 -31.55 21.50
C THR B 44 5.32 -32.72 20.77
N MET B 45 4.61 -33.34 19.83
CA MET B 45 5.12 -34.57 19.24
C MET B 45 6.25 -34.35 18.27
N TYR B 46 6.16 -33.30 17.49
CA TYR B 46 7.21 -33.01 16.54
C TYR B 46 8.46 -32.40 17.19
N THR B 47 8.33 -31.85 18.39
CA THR B 47 9.48 -31.56 19.24
C THR B 47 10.17 -32.88 19.54
N VAL B 48 9.42 -33.86 20.01
CA VAL B 48 10.00 -35.18 20.29
C VAL B 48 10.69 -35.77 19.06
N GLU B 49 10.16 -35.60 17.86
CA GLU B 49 10.82 -36.19 16.69
C GLU B 49 12.24 -35.63 16.53
N GLU B 50 12.38 -34.31 16.65
CA GLU B 50 13.69 -33.66 16.58
C GLU B 50 14.58 -34.15 17.69
N ASN B 51 14.05 -34.26 18.89
CA ASN B 51 14.82 -34.77 19.99
C ASN B 51 15.39 -36.17 19.66
N PHE B 52 14.67 -36.98 18.85
CA PHE B 52 15.16 -38.33 18.47
C PHE B 52 15.42 -38.51 16.98
N LYS B 53 15.74 -37.42 16.28
CA LYS B 53 16.14 -37.53 14.87
C LYS B 53 17.55 -38.15 14.76
N GLU B 54 18.43 -37.82 15.71
CA GLU B 54 19.77 -38.44 15.75
C GLU B 54 19.59 -39.95 15.85
N ASN B 55 18.65 -40.35 16.71
CA ASN B 55 18.43 -41.76 17.00
C ASN B 55 17.69 -42.55 15.92
N GLY B 56 17.14 -41.88 14.91
CA GLY B 56 16.51 -42.57 13.79
C GLY B 56 15.13 -43.10 14.10
N LEU B 57 14.47 -42.50 15.08
CA LEU B 57 13.16 -42.94 15.54
C LEU B 57 12.12 -41.82 15.44
N THR B 58 10.94 -42.17 14.91
CA THR B 58 9.80 -41.25 14.85
C THR B 58 9.23 -41.11 16.25
N HIS B 59 8.34 -40.15 16.44
CA HIS B 59 7.75 -39.97 17.79
C HIS B 59 6.80 -41.11 18.12
N GLN B 60 6.25 -41.71 17.08
CA GLN B 60 5.35 -42.83 17.28
C GLN B 60 6.09 -44.04 17.82
N GLN B 61 7.19 -44.40 17.15
CA GLN B 61 8.09 -45.48 17.59
C GLN B 61 8.54 -45.26 19.03
N ILE B 62 8.76 -43.99 19.40
CA ILE B 62 9.11 -43.65 20.79
C ILE B 62 7.97 -43.86 21.78
N ILE B 63 6.76 -43.42 21.44
CA ILE B 63 5.57 -43.69 22.26
C ILE B 63 5.42 -45.19 22.50
N VAL B 64 5.55 -46.00 21.43
CA VAL B 64 5.50 -47.48 21.55
C VAL B 64 6.50 -47.91 22.60
N ILE B 65 7.74 -47.52 22.38
CA ILE B 65 8.81 -47.94 23.26
C ILE B 65 8.51 -47.49 24.73
N LYS B 66 8.08 -46.26 24.91
CA LYS B 66 7.73 -45.83 26.28
C LYS B 66 6.63 -46.71 26.92
N LEU B 67 5.66 -47.12 26.10
CA LEU B 67 4.59 -48.06 26.54
C LEU B 67 5.07 -49.50 26.83
N VAL B 68 5.85 -50.07 25.92
CA VAL B 68 6.37 -51.43 26.08
C VAL B 68 7.26 -51.50 27.32
N ALA B 69 8.15 -50.51 27.43
CA ALA B 69 8.98 -50.36 28.63
C ALA B 69 8.15 -50.26 29.89
N HIS B 70 7.11 -49.46 29.96
CA HIS B 70 6.29 -49.46 31.17
C HIS B 70 5.47 -50.71 31.38
N ASN B 71 4.83 -51.22 30.33
CA ASN B 71 3.91 -52.35 30.50
C ASN B 71 4.45 -53.75 30.19
N GLN B 72 5.69 -53.85 29.75
CA GLN B 72 6.34 -55.15 29.48
C GLN B 72 5.87 -55.86 28.23
N GLU B 73 4.57 -56.09 28.11
CA GLU B 73 4.04 -56.73 26.94
C GLU B 73 2.70 -56.14 26.66
N LEU B 74 2.33 -56.08 25.39
CA LEU B 74 1.07 -55.45 25.02
C LEU B 74 0.58 -56.05 23.73
N THR B 75 -0.72 -56.19 23.61
CA THR B 75 -1.35 -56.66 22.39
C THR B 75 -1.70 -55.50 21.52
N ILE B 76 -1.87 -55.76 20.23
CA ILE B 76 -2.07 -54.67 19.31
C ILE B 76 -3.31 -53.89 19.74
N SER B 77 -4.37 -54.57 20.14
CA SER B 77 -5.56 -53.89 20.64
C SER B 77 -5.29 -52.99 21.84
N GLN B 78 -4.51 -53.46 22.82
CA GLN B 78 -4.09 -52.57 23.94
C GLN B 78 -3.32 -51.33 23.50
N LEU B 79 -2.44 -51.48 22.50
CA LEU B 79 -1.71 -50.33 21.99
C LEU B 79 -2.64 -49.28 21.38
N CYS B 80 -3.60 -49.70 20.56
CA CYS B 80 -4.61 -48.78 20.04
C CYS B 80 -5.23 -48.00 21.18
N ASP B 81 -5.68 -48.68 22.23
CA ASP B 81 -6.28 -47.92 23.30
C ASP B 81 -5.31 -46.88 23.93
N GLU B 82 -4.02 -47.24 24.05
CA GLU B 82 -3.05 -46.37 24.70
C GLU B 82 -2.63 -45.22 23.81
N MET B 83 -2.50 -45.45 22.51
CA MET B 83 -2.03 -44.44 21.58
C MET B 83 -3.20 -43.76 20.86
N SER B 84 -4.42 -44.17 21.21
CA SER B 84 -5.63 -43.77 20.50
C SER B 84 -5.39 -43.72 19.00
N LEU B 85 -5.16 -44.90 18.42
CA LEU B 85 -5.00 -45.12 16.95
C LEU B 85 -5.76 -46.35 16.54
N ALA B 86 -5.89 -46.57 15.23
CA ALA B 86 -6.68 -47.70 14.72
C ALA B 86 -5.83 -48.95 14.43
N LYS B 87 -6.38 -50.15 14.69
CA LYS B 87 -5.62 -51.42 14.48
C LYS B 87 -4.68 -51.41 13.26
N GLY B 88 -5.15 -50.95 12.09
CA GLY B 88 -4.31 -50.99 10.88
C GLY B 88 -3.09 -50.07 10.97
N THR B 89 -3.29 -48.93 11.62
CA THR B 89 -2.24 -47.94 11.73
C THR B 89 -1.11 -48.52 12.54
N VAL B 90 -1.50 -49.03 13.70
CA VAL B 90 -0.59 -49.58 14.71
C VAL B 90 0.06 -50.86 14.24
N SER B 91 -0.68 -51.68 13.51
CA SER B 91 -0.14 -52.87 12.88
C SER B 91 1.08 -52.49 12.05
N GLY B 92 0.93 -51.40 11.32
CA GLY B 92 2.04 -50.85 10.55
C GLY B 92 3.23 -50.46 11.40
N ILE B 93 2.98 -49.65 12.42
CA ILE B 93 4.04 -49.11 13.29
C ILE B 93 4.88 -50.22 13.94
N ILE B 94 4.21 -51.27 14.43
CA ILE B 94 4.85 -52.42 15.06
C ILE B 94 5.70 -53.20 14.03
N SER B 95 5.08 -53.59 12.92
CA SER B 95 5.79 -54.31 11.85
C SER B 95 7.08 -53.63 11.43
N ARG B 96 7.03 -52.31 11.29
CA ARG B 96 8.20 -51.55 10.92
C ARG B 96 9.19 -51.53 12.05
N LEU B 97 8.69 -51.33 13.28
CA LEU B 97 9.54 -51.32 14.47
C LEU B 97 10.10 -52.73 14.78
N GLU B 98 9.45 -53.80 14.30
CA GLU B 98 10.05 -55.15 14.39
C GLU B 98 11.18 -55.24 13.37
N GLN B 99 10.99 -54.72 12.16
CA GLN B 99 12.08 -54.68 11.18
C GLN B 99 13.36 -53.98 11.70
N ILE B 100 13.23 -52.93 12.51
CA ILE B 100 14.43 -52.33 13.12
C ILE B 100 14.98 -53.23 14.24
N GLY B 101 14.10 -54.00 14.87
CA GLY B 101 14.53 -55.08 15.76
C GLY B 101 14.51 -54.76 17.23
N TYR B 102 13.73 -53.74 17.60
CA TYR B 102 13.61 -53.31 18.98
C TYR B 102 12.45 -54.08 19.69
N ILE B 103 11.71 -54.91 18.95
CA ILE B 103 10.36 -55.40 19.28
C ILE B 103 10.11 -56.80 18.69
N GLU B 104 9.67 -57.73 19.51
CA GLU B 104 9.34 -59.09 19.09
C GLU B 104 7.84 -59.17 19.08
N LYS B 105 7.25 -59.74 18.03
CA LYS B 105 5.83 -60.13 18.05
C LYS B 105 5.75 -61.58 18.45
N PHE B 106 4.85 -61.90 19.38
CA PHE B 106 4.59 -63.29 19.76
C PHE B 106 3.10 -63.61 19.98
N LYS B 107 2.76 -64.91 19.95
CA LYS B 107 1.39 -65.38 20.22
C LYS B 107 1.38 -66.46 21.31
N LYS B 108 0.49 -66.26 22.29
CA LYS B 108 0.36 -67.18 23.39
C LYS B 108 -0.51 -68.36 22.98
N SER B 109 -0.15 -69.57 23.44
CA SER B 109 -0.84 -70.77 23.01
C SER B 109 -2.33 -70.74 23.32
N ASN B 110 -2.73 -70.03 24.39
CA ASN B 110 -4.10 -70.07 24.85
C ASN B 110 -5.12 -69.32 24.02
N ASP B 111 -4.71 -68.22 23.39
CA ASP B 111 -5.52 -67.62 22.30
C ASP B 111 -4.58 -67.03 21.28
N LYS B 112 -4.46 -67.75 20.17
CA LYS B 112 -3.47 -67.46 19.13
C LYS B 112 -3.89 -66.31 18.18
N ARG B 113 -5.07 -65.74 18.35
CA ARG B 113 -5.45 -64.59 17.55
C ARG B 113 -4.65 -63.41 18.06
N ASN B 114 -4.83 -63.08 19.33
CA ASN B 114 -3.99 -62.10 20.00
C ASN B 114 -2.51 -62.17 19.62
N THR B 115 -1.94 -61.00 19.30
CA THR B 115 -0.52 -60.85 19.04
C THR B 115 0.05 -59.84 19.99
N TYR B 116 1.08 -60.24 20.71
CA TYR B 116 1.69 -59.39 21.74
C TYR B 116 2.98 -58.83 21.18
N VAL B 117 3.40 -57.70 21.73
CA VAL B 117 4.76 -57.18 21.48
C VAL B 117 5.52 -57.02 22.80
N LYS B 118 6.82 -57.24 22.75
CA LYS B 118 7.70 -56.91 23.89
C LYS B 118 9.10 -56.60 23.36
N PHE B 119 10.02 -56.24 24.24
CA PHE B 119 11.37 -55.91 23.78
C PHE B 119 12.19 -57.13 23.36
N THR B 120 13.03 -56.89 22.35
CA THR B 120 14.24 -57.66 22.11
C THR B 120 15.33 -57.16 23.09
N THR B 121 16.38 -57.95 23.23
CA THR B 121 17.61 -57.51 23.88
C THR B 121 18.02 -56.10 23.41
N THR B 122 18.15 -55.93 22.08
CA THR B 122 18.64 -54.67 21.47
C THR B 122 17.72 -53.53 21.91
N GLY B 123 16.43 -53.71 21.67
CA GLY B 123 15.41 -52.75 22.12
C GLY B 123 15.34 -52.52 23.62
N PHE B 124 15.65 -53.54 24.41
CA PHE B 124 15.73 -53.39 25.86
C PHE B 124 16.96 -52.58 26.31
N GLU B 125 18.09 -52.77 25.62
CA GLU B 125 19.26 -51.94 25.86
C GLU B 125 18.91 -50.49 25.54
N PHE B 126 18.26 -50.25 24.40
CA PHE B 126 17.81 -48.90 24.06
C PHE B 126 16.96 -48.28 25.17
N ALA B 127 15.85 -48.95 25.47
CA ALA B 127 14.98 -48.49 26.51
C ALA B 127 15.70 -48.21 27.80
N THR B 128 16.81 -48.90 28.07
CA THR B 128 17.56 -48.66 29.30
C THR B 128 18.44 -47.41 29.22
N ASN B 129 19.30 -47.35 28.22
CA ASN B 129 20.13 -46.17 27.97
C ASN B 129 19.22 -44.91 27.93
N PHE B 130 18.21 -44.91 27.05
CA PHE B 130 17.52 -43.67 26.70
C PHE B 130 16.26 -43.37 27.50
N LYS B 131 16.08 -44.02 28.64
CA LYS B 131 14.92 -43.74 29.48
C LYS B 131 14.88 -42.25 29.79
N ILE B 132 15.83 -41.78 30.60
CA ILE B 132 16.00 -40.35 30.94
C ILE B 132 15.72 -39.37 29.78
N LYS B 133 16.21 -39.68 28.58
CA LYS B 133 16.06 -38.81 27.41
C LYS B 133 14.62 -38.84 26.91
N MET B 134 13.96 -39.99 26.99
CA MET B 134 12.54 -40.08 26.69
C MET B 134 11.74 -39.37 27.75
N GLN B 135 12.14 -39.48 29.02
CA GLN B 135 11.39 -38.81 30.07
C GLN B 135 11.53 -37.28 29.95
N GLU B 136 12.76 -36.78 29.79
CA GLU B 136 12.94 -35.34 29.67
C GLU B 136 12.44 -34.74 28.31
N SER B 137 12.49 -35.50 27.20
CA SER B 137 11.92 -35.03 25.90
C SER B 137 10.47 -34.56 25.93
N PHE B 138 9.65 -35.22 26.73
CA PHE B 138 8.27 -34.78 27.00
C PHE B 138 8.19 -33.71 28.08
N ASP B 139 8.89 -33.90 29.20
CA ASP B 139 8.80 -32.97 30.32
C ASP B 139 9.40 -31.57 30.01
N ASP B 140 10.38 -31.50 29.11
CA ASP B 140 11.04 -30.23 28.77
C ASP B 140 10.17 -29.29 27.94
N ILE B 141 9.10 -29.82 27.37
CA ILE B 141 8.19 -29.00 26.62
C ILE B 141 7.41 -28.14 27.62
N PHE B 142 7.08 -28.73 28.77
CA PHE B 142 6.35 -28.04 29.84
C PHE B 142 7.29 -27.67 31.04
N LYS B 143 8.53 -27.30 30.72
CA LYS B 143 9.49 -26.78 31.70
C LYS B 143 9.08 -25.39 32.17
N ASN B 144 8.64 -24.57 31.23
CA ASN B 144 8.27 -23.19 31.47
C ASN B 144 6.84 -23.08 32.06
N CYS B 145 6.33 -24.20 32.58
CA CYS B 145 4.92 -24.41 32.83
C CYS B 145 4.85 -25.05 34.19
N ASP B 146 4.06 -24.47 35.10
CA ASP B 146 4.24 -24.77 36.52
C ASP B 146 3.00 -25.26 37.22
N GLU B 147 2.86 -26.59 37.23
CA GLU B 147 2.13 -27.34 38.27
C GLU B 147 0.61 -27.07 38.40
N ASN B 148 0.21 -25.85 38.77
CA ASN B 148 -1.21 -25.45 38.71
C ASN B 148 -1.71 -25.68 37.28
N GLU B 149 -1.01 -25.04 36.36
CA GLU B 149 -1.42 -24.91 34.96
C GLU B 149 -1.56 -26.27 34.28
N LEU B 150 -0.71 -27.19 34.71
CA LEU B 150 -0.75 -28.53 34.19
C LEU B 150 -1.94 -29.25 34.79
N SER B 151 -2.01 -29.30 36.11
CA SER B 151 -3.18 -29.86 36.85
C SER B 151 -4.52 -29.40 36.27
N ASP B 152 -4.58 -28.12 35.90
CA ASP B 152 -5.71 -27.54 35.20
C ASP B 152 -5.89 -28.19 33.82
N LEU B 153 -4.82 -28.20 33.04
CA LEU B 153 -4.84 -28.85 31.73
C LEU B 153 -5.41 -30.26 31.84
N VAL B 154 -4.89 -31.03 32.80
CA VAL B 154 -5.35 -32.41 32.96
C VAL B 154 -6.81 -32.34 33.35
N LYS B 155 -7.12 -31.52 34.36
CA LYS B 155 -8.50 -31.40 34.87
C LYS B 155 -9.48 -31.21 33.70
N ASN B 156 -9.23 -30.19 32.90
CA ASN B 156 -10.11 -29.84 31.79
C ASN B 156 -10.13 -30.86 30.69
N LEU B 157 -8.96 -31.44 30.37
CA LEU B 157 -8.84 -32.48 29.35
C LEU B 157 -9.65 -33.70 29.75
N ARG B 158 -9.40 -34.20 30.94
CA ARG B 158 -10.12 -35.36 31.46
C ARG B 158 -11.64 -35.12 31.47
N ASN B 159 -12.06 -33.93 31.85
CA ASN B 159 -13.49 -33.67 31.99
C ASN B 159 -14.18 -33.61 30.62
N ILE B 160 -13.68 -32.73 29.77
CA ILE B 160 -14.22 -32.60 28.42
C ILE B 160 -14.12 -33.89 27.64
N LEU B 161 -13.03 -34.61 27.84
CA LEU B 161 -12.92 -35.94 27.28
C LEU B 161 -14.03 -36.88 27.74
N ALA B 162 -14.40 -36.82 29.01
CA ALA B 162 -15.53 -37.61 29.55
C ALA B 162 -16.87 -37.33 28.83
N LYS B 163 -17.12 -36.05 28.59
CA LYS B 163 -18.32 -35.60 27.92
C LYS B 163 -18.38 -35.93 26.45
N VAL B 164 -17.23 -36.01 25.78
CA VAL B 164 -17.26 -36.35 24.34
C VAL B 164 -17.45 -37.85 24.20
N LYS B 165 -16.85 -38.60 25.13
CA LYS B 165 -16.98 -40.06 25.16
C LYS B 165 -18.40 -40.55 25.50
N GLU B 166 -19.30 -39.64 25.89
CA GLU B 166 -20.77 -39.88 25.85
C GLU B 166 -21.35 -39.55 24.44
N ARG B 167 -21.79 -40.58 23.71
CA ARG B 167 -22.20 -40.46 22.29
C ARG B 167 -21.07 -39.92 21.41
N ASP C 29 -12.43 29.83 1.52
CA ASP C 29 -13.88 29.54 1.30
C ASP C 29 -14.10 28.02 1.20
N CYS C 30 -14.55 27.42 2.30
CA CYS C 30 -14.84 25.99 2.34
C CYS C 30 -15.82 25.54 1.26
N PHE C 31 -16.72 26.43 0.86
CA PHE C 31 -17.56 26.16 -0.29
C PHE C 31 -16.74 25.61 -1.46
N ARG C 32 -15.63 26.25 -1.80
CA ARG C 32 -14.85 25.80 -2.94
C ARG C 32 -14.26 24.42 -2.65
N ILE C 33 -13.90 24.18 -1.39
CA ILE C 33 -13.43 22.86 -0.96
C ILE C 33 -14.51 21.84 -1.36
N ALA C 34 -15.71 22.01 -0.82
CA ALA C 34 -16.82 21.11 -1.07
C ALA C 34 -17.00 20.79 -2.55
N MET C 35 -16.92 21.82 -3.41
CA MET C 35 -17.10 21.65 -4.84
C MET C 35 -15.98 20.92 -5.56
N LEU C 36 -14.75 21.03 -5.06
CA LEU C 36 -13.65 20.23 -5.59
C LEU C 36 -13.87 18.76 -5.32
N LEU C 37 -14.13 18.45 -4.05
CA LEU C 37 -14.51 17.09 -3.64
C LEU C 37 -15.60 16.57 -4.57
N LYS C 38 -16.69 17.35 -4.65
CA LYS C 38 -17.84 17.06 -5.50
C LYS C 38 -17.37 16.60 -6.86
N GLU C 39 -16.48 17.42 -7.45
CA GLU C 39 -15.99 17.19 -8.79
C GLU C 39 -15.26 15.87 -8.92
N LEU C 40 -14.34 15.63 -8.00
CA LEU C 40 -13.49 14.45 -8.07
C LEU C 40 -14.34 13.21 -7.83
N TYR C 41 -15.07 13.20 -6.73
CA TYR C 41 -16.05 12.16 -6.46
C TYR C 41 -16.84 11.82 -7.76
N SER C 42 -17.37 12.86 -8.42
CA SER C 42 -18.25 12.67 -9.58
C SER C 42 -17.50 12.06 -10.76
N LYS C 43 -16.32 12.62 -11.07
CA LYS C 43 -15.49 12.11 -12.17
C LYS C 43 -15.19 10.64 -11.96
N THR C 44 -14.88 10.28 -10.72
CA THR C 44 -14.59 8.89 -10.40
C THR C 44 -15.80 7.97 -10.56
N MET C 45 -16.82 8.18 -9.75
CA MET C 45 -17.95 7.25 -9.72
C MET C 45 -18.64 7.09 -11.08
N TYR C 46 -18.73 8.18 -11.82
CA TYR C 46 -19.49 8.14 -13.07
C TYR C 46 -18.66 7.60 -14.24
N THR C 47 -17.34 7.60 -14.10
CA THR C 47 -16.50 6.83 -15.00
C THR C 47 -16.72 5.34 -14.72
N VAL C 48 -16.82 4.97 -13.45
CA VAL C 48 -17.11 3.57 -13.11
C VAL C 48 -18.47 3.17 -13.66
N GLU C 49 -19.46 4.06 -13.55
CA GLU C 49 -20.78 3.81 -14.16
C GLU C 49 -20.61 3.42 -15.61
N GLU C 50 -19.87 4.25 -16.34
CA GLU C 50 -19.62 4.02 -17.78
C GLU C 50 -19.12 2.61 -17.96
N ASN C 51 -18.03 2.29 -17.27
CA ASN C 51 -17.35 0.99 -17.41
C ASN C 51 -18.27 -0.23 -17.25
N PHE C 52 -19.29 -0.10 -16.40
CA PHE C 52 -20.23 -1.18 -16.17
C PHE C 52 -21.60 -0.97 -16.78
N LYS C 53 -21.85 0.16 -17.43
CA LYS C 53 -23.14 0.38 -18.07
C LYS C 53 -23.45 -0.89 -18.89
N GLU C 54 -22.44 -1.32 -19.65
CA GLU C 54 -22.41 -2.62 -20.31
C GLU C 54 -23.11 -3.79 -19.55
N ASN C 55 -22.78 -3.93 -18.26
CA ASN C 55 -23.19 -5.07 -17.45
C ASN C 55 -24.49 -4.92 -16.68
N GLY C 56 -25.16 -3.77 -16.78
CA GLY C 56 -26.41 -3.53 -16.05
C GLY C 56 -26.27 -3.25 -14.56
N LEU C 57 -25.14 -2.67 -14.15
CA LEU C 57 -24.85 -2.39 -12.74
C LEU C 57 -24.33 -0.98 -12.53
N THR C 58 -24.85 -0.35 -11.48
CA THR C 58 -24.49 0.99 -11.09
C THR C 58 -23.21 0.97 -10.30
N HIS C 59 -22.55 2.13 -10.21
CA HIS C 59 -21.30 2.23 -9.48
C HIS C 59 -21.52 1.83 -8.03
N GLN C 60 -22.61 2.28 -7.44
CA GLN C 60 -22.95 1.88 -6.08
C GLN C 60 -23.16 0.39 -5.92
N GLN C 61 -23.85 -0.22 -6.88
CA GLN C 61 -23.93 -1.70 -6.95
C GLN C 61 -22.58 -2.39 -7.07
N ILE C 62 -21.71 -1.80 -7.88
CA ILE C 62 -20.32 -2.22 -7.87
C ILE C 62 -19.75 -2.05 -6.47
N ILE C 63 -19.89 -0.85 -5.89
CA ILE C 63 -19.33 -0.58 -4.58
C ILE C 63 -19.75 -1.59 -3.51
N VAL C 64 -21.00 -2.04 -3.54
CA VAL C 64 -21.46 -3.08 -2.61
C VAL C 64 -20.70 -4.38 -2.85
N ILE C 65 -20.64 -4.76 -4.12
CA ILE C 65 -19.96 -5.98 -4.55
C ILE C 65 -18.47 -6.02 -4.13
N LYS C 66 -17.74 -4.95 -4.40
CA LYS C 66 -16.37 -4.85 -3.92
C LYS C 66 -16.33 -5.12 -2.40
N LEU C 67 -17.24 -4.49 -1.66
CA LEU C 67 -17.28 -4.60 -0.21
C LEU C 67 -17.57 -6.03 0.27
N VAL C 68 -18.47 -6.70 -0.41
CA VAL C 68 -18.74 -8.10 -0.11
C VAL C 68 -17.62 -9.10 -0.58
N ALA C 69 -16.91 -8.75 -1.65
CA ALA C 69 -15.72 -9.52 -2.06
C ALA C 69 -14.69 -9.56 -0.94
N HIS C 70 -14.37 -8.40 -0.39
CA HIS C 70 -13.36 -8.29 0.66
C HIS C 70 -13.84 -8.95 1.95
N ASN C 71 -15.08 -8.70 2.32
CA ASN C 71 -15.56 -9.16 3.63
C ASN C 71 -16.53 -10.32 3.72
N GLN C 72 -16.90 -10.92 2.60
CA GLN C 72 -17.78 -12.10 2.59
C GLN C 72 -19.18 -11.82 3.08
N GLU C 73 -19.30 -11.32 4.30
CA GLU C 73 -20.60 -10.99 4.85
C GLU C 73 -20.58 -9.68 5.59
N LEU C 74 -21.68 -8.93 5.54
CA LEU C 74 -21.76 -7.68 6.24
C LEU C 74 -23.19 -7.36 6.53
N THR C 75 -23.46 -6.64 7.60
CA THR C 75 -24.82 -6.18 7.90
C THR C 75 -25.12 -4.84 7.23
N ILE C 76 -26.40 -4.61 6.98
CA ILE C 76 -26.82 -3.33 6.43
C ILE C 76 -26.02 -2.25 7.15
N SER C 77 -26.03 -2.30 8.46
CA SER C 77 -25.34 -1.28 9.24
C SER C 77 -23.89 -1.17 8.84
N GLN C 78 -23.18 -2.27 8.80
CA GLN C 78 -21.79 -2.19 8.41
C GLN C 78 -21.63 -1.53 7.04
N LEU C 79 -22.52 -1.86 6.09
CA LEU C 79 -22.47 -1.26 4.75
C LEU C 79 -22.67 0.28 4.76
N CYS C 80 -23.58 0.78 5.61
CA CYS C 80 -23.74 2.23 5.87
C CYS C 80 -22.46 2.96 6.26
N ASP C 81 -21.71 2.46 7.26
CA ASP C 81 -20.44 3.10 7.61
C ASP C 81 -19.45 3.05 6.42
N GLU C 82 -19.42 1.93 5.70
CA GLU C 82 -18.45 1.70 4.63
C GLU C 82 -18.67 2.53 3.35
N MET C 83 -19.93 2.82 3.05
CA MET C 83 -20.31 3.63 1.89
C MET C 83 -20.73 5.07 2.26
N SER C 84 -20.64 5.44 3.55
CA SER C 84 -21.03 6.76 4.02
C SER C 84 -22.41 7.03 3.44
N LEU C 85 -23.32 6.15 3.79
CA LEU C 85 -24.67 6.14 3.26
C LEU C 85 -25.60 5.90 4.45
N ALA C 86 -26.90 5.90 4.21
CA ALA C 86 -27.89 5.81 5.28
C ALA C 86 -28.70 4.56 5.15
N LYS C 87 -29.07 4.00 6.28
CA LYS C 87 -29.77 2.73 6.33
C LYS C 87 -30.95 2.69 5.37
N GLY C 88 -31.70 3.77 5.27
CA GLY C 88 -32.83 3.81 4.34
C GLY C 88 -32.39 3.54 2.90
N THR C 89 -31.28 4.15 2.51
CA THR C 89 -30.74 4.04 1.16
C THR C 89 -30.25 2.66 0.88
N VAL C 90 -29.40 2.20 1.79
CA VAL C 90 -28.69 0.94 1.69
C VAL C 90 -29.69 -0.24 1.73
N SER C 91 -30.74 -0.11 2.53
CA SER C 91 -31.77 -1.13 2.54
C SER C 91 -32.31 -1.36 1.13
N GLY C 92 -32.51 -0.29 0.40
CA GLY C 92 -33.00 -0.41 -0.96
C GLY C 92 -31.95 -0.96 -1.90
N ILE C 93 -30.72 -0.47 -1.77
CA ILE C 93 -29.66 -0.90 -2.69
C ILE C 93 -29.56 -2.44 -2.64
N ILE C 94 -29.71 -2.96 -1.44
CA ILE C 94 -29.52 -4.35 -1.12
C ILE C 94 -30.75 -5.15 -1.51
N SER C 95 -31.93 -4.63 -1.19
CA SER C 95 -33.16 -5.29 -1.61
C SER C 95 -33.13 -5.53 -3.10
N ARG C 96 -32.57 -4.60 -3.85
CA ARG C 96 -32.67 -4.66 -5.30
C ARG C 96 -31.69 -5.69 -5.87
N LEU C 97 -30.47 -5.62 -5.39
CA LEU C 97 -29.52 -6.70 -5.51
C LEU C 97 -30.11 -8.09 -5.12
N GLU C 98 -31.00 -8.14 -4.15
CA GLU C 98 -31.65 -9.38 -3.76
C GLU C 98 -32.38 -9.92 -4.98
N GLN C 99 -33.17 -9.06 -5.66
CA GLN C 99 -33.97 -9.51 -6.82
C GLN C 99 -33.09 -9.86 -8.01
N ILE C 100 -32.09 -9.03 -8.28
CA ILE C 100 -31.04 -9.39 -9.22
C ILE C 100 -30.52 -10.79 -8.91
N GLY C 101 -30.33 -11.08 -7.62
CA GLY C 101 -29.84 -12.37 -7.18
C GLY C 101 -28.33 -12.44 -7.09
N TYR C 102 -27.69 -11.32 -6.85
CA TYR C 102 -26.26 -11.31 -6.60
C TYR C 102 -25.98 -11.51 -5.12
N ILE C 103 -26.98 -11.29 -4.25
CA ILE C 103 -26.78 -11.38 -2.79
C ILE C 103 -27.94 -12.05 -2.06
N GLU C 104 -27.63 -12.58 -0.88
CA GLU C 104 -28.55 -13.26 0.01
C GLU C 104 -28.56 -12.57 1.36
N LYS C 105 -29.74 -12.55 1.99
CA LYS C 105 -29.91 -12.09 3.36
C LYS C 105 -30.10 -13.26 4.33
N PHE C 106 -29.59 -13.09 5.54
CA PHE C 106 -29.82 -14.02 6.64
C PHE C 106 -29.58 -13.36 7.97
N LYS C 107 -30.13 -13.99 9.00
CA LYS C 107 -30.02 -13.53 10.37
C LYS C 107 -29.31 -14.61 11.21
N LYS C 108 -28.90 -14.22 12.42
CA LYS C 108 -28.28 -15.12 13.39
C LYS C 108 -28.95 -14.90 14.74
N SER C 109 -29.08 -15.97 15.49
CA SER C 109 -29.67 -15.88 16.80
C SER C 109 -28.88 -15.02 17.75
N ASN C 110 -27.64 -14.71 17.39
CA ASN C 110 -26.80 -13.89 18.24
C ASN C 110 -27.51 -12.59 18.50
N ASP C 111 -28.12 -12.01 17.48
CA ASP C 111 -28.88 -10.79 17.61
C ASP C 111 -29.72 -10.79 16.37
N LYS C 112 -30.94 -11.27 16.49
CA LYS C 112 -31.81 -11.41 15.32
C LYS C 112 -32.31 -10.07 14.73
N ARG C 113 -31.90 -8.97 15.30
CA ARG C 113 -32.14 -7.68 14.70
C ARG C 113 -31.29 -7.53 13.46
N ASN C 114 -30.06 -8.04 13.53
CA ASN C 114 -29.16 -7.94 12.40
C ASN C 114 -29.63 -8.69 11.14
N THR C 115 -29.24 -8.14 10.00
CA THR C 115 -29.48 -8.78 8.72
C THR C 115 -28.18 -8.67 7.96
N TYR C 116 -27.72 -9.83 7.50
CA TYR C 116 -26.40 -10.00 6.95
C TYR C 116 -26.56 -10.16 5.46
N VAL C 117 -25.52 -9.80 4.73
CA VAL C 117 -25.52 -9.79 3.27
C VAL C 117 -24.34 -10.61 2.80
N LYS C 118 -24.60 -11.71 2.09
CA LYS C 118 -23.51 -12.54 1.53
C LYS C 118 -23.75 -12.74 0.05
N PHE C 119 -22.76 -13.26 -0.68
CA PHE C 119 -22.96 -13.59 -2.12
C PHE C 119 -23.87 -14.80 -2.32
N THR C 120 -24.47 -14.85 -3.50
CA THR C 120 -24.98 -16.09 -4.05
C THR C 120 -23.92 -16.67 -4.99
N THR C 121 -24.20 -17.78 -5.68
CA THR C 121 -23.21 -18.33 -6.64
C THR C 121 -23.08 -17.38 -7.83
N THR C 122 -24.23 -17.00 -8.43
CA THR C 122 -24.28 -15.94 -9.46
C THR C 122 -23.42 -14.73 -9.09
N GLY C 123 -23.61 -14.25 -7.86
CA GLY C 123 -22.81 -13.15 -7.30
C GLY C 123 -21.34 -13.47 -7.07
N PHE C 124 -21.03 -14.65 -6.53
CA PHE C 124 -19.65 -15.09 -6.42
C PHE C 124 -19.00 -15.22 -7.82
N GLU C 125 -19.80 -15.72 -8.78
CA GLU C 125 -19.37 -15.92 -10.16
C GLU C 125 -18.97 -14.57 -10.74
N PHE C 126 -19.86 -13.57 -10.58
CA PHE C 126 -19.57 -12.20 -11.03
C PHE C 126 -18.31 -11.62 -10.40
N ALA C 127 -18.24 -11.66 -9.08
CA ALA C 127 -17.18 -10.94 -8.36
C ALA C 127 -15.79 -11.49 -8.66
N THR C 128 -15.71 -12.78 -8.98
CA THR C 128 -14.44 -13.43 -9.34
C THR C 128 -14.10 -13.18 -10.81
N ASN C 129 -15.04 -13.46 -11.71
CA ASN C 129 -14.92 -13.09 -13.14
C ASN C 129 -14.48 -11.64 -13.29
N PHE C 130 -15.26 -10.75 -12.70
CA PHE C 130 -15.09 -9.32 -12.90
C PHE C 130 -14.20 -8.65 -11.87
N LYS C 131 -13.56 -9.41 -10.98
CA LYS C 131 -12.61 -8.80 -10.04
C LYS C 131 -11.62 -7.95 -10.81
N ILE C 132 -11.12 -8.53 -11.90
CA ILE C 132 -10.21 -7.86 -12.82
C ILE C 132 -10.71 -6.46 -13.21
N LYS C 133 -11.99 -6.36 -13.59
CA LYS C 133 -12.55 -5.14 -14.12
C LYS C 133 -12.82 -4.15 -13.00
N MET C 134 -13.49 -4.63 -11.96
CA MET C 134 -13.80 -3.84 -10.77
C MET C 134 -12.55 -3.17 -10.19
N GLN C 135 -11.46 -3.89 -10.05
CA GLN C 135 -10.24 -3.27 -9.52
C GLN C 135 -9.66 -2.27 -10.54
N GLU C 136 -9.69 -2.62 -11.83
CA GLU C 136 -9.10 -1.78 -12.86
C GLU C 136 -10.00 -0.59 -13.29
N SER C 137 -11.31 -0.64 -12.97
CA SER C 137 -12.24 0.50 -13.22
C SER C 137 -11.83 1.71 -12.40
N PHE C 138 -11.72 1.49 -11.09
CA PHE C 138 -11.33 2.55 -10.15
C PHE C 138 -9.88 2.99 -10.32
N ASP C 139 -9.02 2.11 -10.87
CA ASP C 139 -7.58 2.40 -10.98
C ASP C 139 -7.23 3.27 -12.19
N ASP C 140 -7.69 2.87 -13.38
CA ASP C 140 -7.37 3.56 -14.66
C ASP C 140 -7.64 5.06 -14.69
N ILE C 141 -8.69 5.47 -13.98
CA ILE C 141 -8.99 6.89 -13.77
C ILE C 141 -7.83 7.64 -13.09
N PHE C 142 -7.10 7.01 -12.18
CA PHE C 142 -5.93 7.68 -11.59
C PHE C 142 -4.59 7.31 -12.23
N LYS C 143 -4.61 6.90 -13.50
CA LYS C 143 -3.42 6.50 -14.27
C LYS C 143 -2.28 7.50 -14.12
N ASN C 144 -2.44 8.67 -14.72
CA ASN C 144 -1.38 9.69 -14.77
C ASN C 144 -1.02 10.36 -13.44
N CYS C 145 -1.60 9.91 -12.34
CA CYS C 145 -1.12 10.33 -11.04
C CYS C 145 0.11 9.52 -10.74
N ASP C 146 1.10 10.16 -10.14
CA ASP C 146 2.25 9.47 -9.55
C ASP C 146 1.76 8.63 -8.37
N GLU C 147 2.59 7.71 -7.89
CA GLU C 147 2.30 6.97 -6.66
C GLU C 147 2.39 7.90 -5.44
N ASN C 148 3.28 8.88 -5.50
CA ASN C 148 3.47 9.82 -4.39
C ASN C 148 2.27 10.73 -4.23
N GLU C 149 1.81 11.28 -5.36
CA GLU C 149 0.63 12.14 -5.39
C GLU C 149 -0.61 11.53 -4.71
N LEU C 150 -0.93 10.29 -5.07
CA LEU C 150 -2.05 9.58 -4.48
C LEU C 150 -1.96 9.46 -2.95
N SER C 151 -0.82 8.98 -2.45
CA SER C 151 -0.67 8.69 -1.01
C SER C 151 -0.74 9.91 -0.08
N ASP C 152 -0.41 11.09 -0.59
CA ASP C 152 -0.43 12.32 0.21
C ASP C 152 -1.83 12.93 0.24
N LEU C 153 -2.58 12.80 -0.86
CA LEU C 153 -4.04 13.07 -0.87
C LEU C 153 -4.71 12.26 0.23
N VAL C 154 -4.42 10.97 0.22
CA VAL C 154 -4.96 10.04 1.22
C VAL C 154 -4.68 10.51 2.64
N LYS C 155 -3.46 10.95 2.90
CA LYS C 155 -3.08 11.43 4.24
C LYS C 155 -3.95 12.62 4.63
N ASN C 156 -4.03 13.60 3.73
CA ASN C 156 -4.88 14.77 3.93
C ASN C 156 -6.34 14.44 4.22
N LEU C 157 -6.89 13.47 3.49
CA LEU C 157 -8.29 13.08 3.68
C LEU C 157 -8.46 12.42 5.04
N ARG C 158 -7.74 11.33 5.28
CA ARG C 158 -7.72 10.65 6.59
C ARG C 158 -7.51 11.64 7.75
N ASN C 159 -6.52 12.53 7.57
CA ASN C 159 -6.21 13.55 8.56
C ASN C 159 -7.46 14.34 8.89
N ILE C 160 -8.00 14.97 7.85
CA ILE C 160 -9.09 15.91 8.01
C ILE C 160 -10.33 15.24 8.62
N LEU C 161 -10.66 14.06 8.12
CA LEU C 161 -11.81 13.30 8.61
C LEU C 161 -11.89 13.28 10.14
N ALA C 162 -10.75 13.01 10.77
CA ALA C 162 -10.65 12.88 12.23
C ALA C 162 -11.08 14.15 12.93
N LYS C 163 -10.65 15.28 12.36
CA LYS C 163 -10.88 16.60 12.90
C LYS C 163 -12.35 16.98 12.65
N VAL C 164 -12.80 16.71 11.42
CA VAL C 164 -14.17 16.98 10.97
C VAL C 164 -15.24 16.36 11.87
N LYS C 165 -14.98 15.15 12.36
CA LYS C 165 -15.81 14.54 13.41
C LYS C 165 -15.37 15.03 14.80
N GLU C 166 -15.31 16.37 14.95
CA GLU C 166 -14.75 17.10 16.12
C GLU C 166 -14.43 16.27 17.38
N TYR D 28 -1.76 0.98 -6.44
CA TYR D 28 -2.54 1.59 -5.33
C TYR D 28 -4.02 1.19 -5.43
N ASP D 29 -4.60 0.77 -4.30
CA ASP D 29 -6.04 0.52 -4.22
C ASP D 29 -6.74 1.87 -4.15
N CYS D 30 -7.21 2.32 -5.30
CA CYS D 30 -7.84 3.63 -5.42
C CYS D 30 -9.26 3.61 -4.90
N PHE D 31 -9.84 2.41 -4.81
CA PHE D 31 -11.12 2.21 -4.16
C PHE D 31 -11.14 2.75 -2.71
N ARG D 32 -10.01 2.70 -2.02
CA ARG D 32 -9.83 3.39 -0.73
C ARG D 32 -10.08 4.89 -0.91
N ILE D 33 -9.40 5.48 -1.89
CA ILE D 33 -9.50 6.91 -2.20
C ILE D 33 -10.96 7.30 -2.47
N ALA D 34 -11.63 6.54 -3.33
CA ALA D 34 -13.01 6.80 -3.73
C ALA D 34 -14.00 6.82 -2.55
N MET D 35 -13.92 5.81 -1.69
CA MET D 35 -14.75 5.75 -0.49
C MET D 35 -14.41 6.81 0.56
N LEU D 36 -13.14 7.22 0.62
CA LEU D 36 -12.70 8.29 1.53
C LEU D 36 -13.15 9.68 1.08
N LEU D 37 -12.95 9.97 -0.20
CA LEU D 37 -13.60 11.10 -0.86
C LEU D 37 -15.05 11.12 -0.48
N LYS D 38 -15.69 9.96 -0.69
CA LYS D 38 -17.10 9.81 -0.49
C LYS D 38 -17.48 10.13 0.94
N GLU D 39 -16.73 9.61 1.90
CA GLU D 39 -17.02 9.89 3.32
C GLU D 39 -17.02 11.39 3.64
N LEU D 40 -15.98 12.10 3.23
CA LEU D 40 -15.86 13.53 3.56
C LEU D 40 -16.90 14.35 2.81
N TYR D 41 -17.02 14.08 1.51
CA TYR D 41 -18.02 14.75 0.70
C TYR D 41 -19.39 14.68 1.36
N SER D 42 -19.79 13.47 1.80
CA SER D 42 -21.06 13.24 2.49
C SER D 42 -21.30 14.09 3.73
N LYS D 43 -20.29 14.21 4.58
CA LYS D 43 -20.50 14.84 5.89
C LYS D 43 -20.55 16.36 5.72
N THR D 44 -19.83 16.85 4.71
CA THR D 44 -19.97 18.22 4.29
C THR D 44 -21.44 18.46 3.86
N MET D 45 -21.95 17.66 2.92
CA MET D 45 -23.31 17.90 2.40
C MET D 45 -24.44 17.61 3.37
N TYR D 46 -24.36 16.56 4.15
CA TYR D 46 -25.54 16.24 4.98
C TYR D 46 -25.63 16.99 6.32
N THR D 47 -24.55 17.66 6.72
CA THR D 47 -24.60 18.69 7.78
C THR D 47 -25.39 19.86 7.23
N VAL D 48 -24.89 20.40 6.11
CA VAL D 48 -25.55 21.49 5.37
C VAL D 48 -27.02 21.18 5.19
N GLU D 49 -27.34 19.97 4.72
CA GLU D 49 -28.74 19.60 4.64
C GLU D 49 -29.39 19.75 6.02
N GLU D 50 -28.85 19.13 7.07
CA GLU D 50 -29.46 19.24 8.40
C GLU D 50 -29.67 20.70 8.79
N ASN D 51 -28.61 21.48 8.66
CA ASN D 51 -28.67 22.91 8.87
C ASN D 51 -29.83 23.68 8.27
N PHE D 52 -30.34 23.26 7.11
CA PHE D 52 -31.41 23.97 6.40
C PHE D 52 -32.68 23.17 6.19
N LYS D 53 -32.81 22.02 6.86
CA LYS D 53 -34.08 21.30 6.92
C LYS D 53 -35.20 22.25 7.38
N GLU D 54 -34.90 23.05 8.40
CA GLU D 54 -35.83 24.07 8.95
C GLU D 54 -36.38 24.95 7.84
N ASN D 55 -35.47 25.38 6.96
CA ASN D 55 -35.76 26.27 5.87
C ASN D 55 -36.37 25.61 4.63
N GLY D 56 -36.54 24.29 4.67
CA GLY D 56 -37.19 23.59 3.58
C GLY D 56 -36.39 23.49 2.30
N LEU D 57 -35.07 23.42 2.43
CA LEU D 57 -34.17 23.42 1.29
C LEU D 57 -33.15 22.31 1.34
N THR D 58 -32.88 21.71 0.18
CA THR D 58 -31.87 20.66 0.05
C THR D 58 -30.49 21.31 -0.09
N HIS D 59 -29.42 20.54 0.10
CA HIS D 59 -28.08 21.11 0.07
C HIS D 59 -27.80 21.60 -1.33
N GLN D 60 -28.24 20.83 -2.32
CA GLN D 60 -28.12 21.22 -3.73
C GLN D 60 -28.80 22.54 -3.99
N GLN D 61 -30.04 22.64 -3.53
CA GLN D 61 -30.75 23.90 -3.63
C GLN D 61 -29.98 25.02 -2.95
N ILE D 62 -29.39 24.74 -1.79
CA ILE D 62 -28.52 25.72 -1.12
C ILE D 62 -27.35 26.06 -2.03
N ILE D 63 -26.74 25.06 -2.63
CA ILE D 63 -25.64 25.32 -3.55
C ILE D 63 -26.08 26.28 -4.64
N VAL D 64 -27.27 26.06 -5.18
CA VAL D 64 -27.74 26.85 -6.35
C VAL D 64 -27.85 28.32 -5.94
N ILE D 65 -28.65 28.53 -4.90
CA ILE D 65 -28.79 29.82 -4.23
C ILE D 65 -27.44 30.44 -3.93
N LYS D 66 -26.54 29.70 -3.32
CA LYS D 66 -25.18 30.20 -3.13
C LYS D 66 -24.53 30.67 -4.45
N LEU D 67 -24.53 29.84 -5.49
CA LEU D 67 -23.92 30.23 -6.77
C LEU D 67 -24.66 31.41 -7.46
N VAL D 68 -25.99 31.44 -7.34
CA VAL D 68 -26.78 32.50 -7.96
C VAL D 68 -26.45 33.84 -7.28
N ALA D 69 -26.41 33.85 -5.96
CA ALA D 69 -26.14 35.08 -5.24
C ALA D 69 -24.77 35.68 -5.54
N HIS D 70 -23.80 34.86 -5.89
CA HIS D 70 -22.49 35.33 -6.33
C HIS D 70 -22.54 35.86 -7.77
N ASN D 71 -22.85 35.01 -8.72
CA ASN D 71 -22.82 35.40 -10.12
C ASN D 71 -24.05 36.09 -10.68
N GLN D 72 -25.06 36.31 -9.85
CA GLN D 72 -26.29 37.00 -10.27
C GLN D 72 -27.08 36.26 -11.33
N GLU D 73 -26.51 36.03 -12.47
CA GLU D 73 -27.22 35.24 -13.45
C GLU D 73 -26.37 34.08 -13.85
N LEU D 74 -27.01 32.96 -14.10
CA LEU D 74 -26.32 31.75 -14.45
C LEU D 74 -27.15 30.91 -15.38
N THR D 75 -26.52 30.25 -16.32
CA THR D 75 -27.21 29.33 -17.24
C THR D 75 -27.14 27.90 -16.72
N ILE D 76 -27.93 27.05 -17.35
CA ILE D 76 -27.95 25.64 -17.01
C ILE D 76 -26.57 25.01 -17.17
N SER D 77 -25.81 25.44 -18.19
CA SER D 77 -24.47 24.90 -18.36
C SER D 77 -23.58 25.35 -17.25
N GLN D 78 -23.57 26.65 -17.00
CA GLN D 78 -22.66 27.15 -15.99
C GLN D 78 -22.91 26.40 -14.69
N LEU D 79 -24.17 26.13 -14.38
CA LEU D 79 -24.49 25.38 -13.18
C LEU D 79 -23.95 23.95 -13.24
N CYS D 80 -23.97 23.33 -14.41
CA CYS D 80 -23.35 22.03 -14.57
C CYS D 80 -21.87 22.05 -14.26
N ASP D 81 -21.17 23.05 -14.78
CA ASP D 81 -19.75 23.21 -14.47
C ASP D 81 -19.58 23.41 -12.96
N GLU D 82 -20.21 24.42 -12.37
CA GLU D 82 -20.01 24.74 -10.94
C GLU D 82 -20.35 23.57 -10.01
N MET D 83 -21.48 22.92 -10.25
CA MET D 83 -21.98 21.82 -9.41
C MET D 83 -21.52 20.43 -9.88
N SER D 84 -20.76 20.36 -10.98
CA SER D 84 -20.23 19.08 -11.54
C SER D 84 -21.36 18.07 -11.68
N LEU D 85 -22.27 18.37 -12.59
CA LEU D 85 -23.59 17.74 -12.56
C LEU D 85 -24.13 17.75 -13.97
N ALA D 86 -25.08 16.89 -14.25
CA ALA D 86 -25.53 16.68 -15.63
C ALA D 86 -26.63 17.63 -16.00
N LYS D 87 -26.75 17.95 -17.29
CA LYS D 87 -27.78 18.90 -17.75
C LYS D 87 -29.19 18.58 -17.24
N GLY D 88 -29.55 17.30 -17.31
CA GLY D 88 -30.88 16.86 -16.93
C GLY D 88 -31.12 16.98 -15.44
N THR D 89 -30.04 16.87 -14.68
CA THR D 89 -30.14 16.92 -13.23
C THR D 89 -30.41 18.33 -12.79
N VAL D 90 -29.62 19.24 -13.36
CA VAL D 90 -29.71 20.65 -13.07
C VAL D 90 -31.04 21.20 -13.56
N SER D 91 -31.45 20.82 -14.76
CA SER D 91 -32.77 21.16 -15.27
C SER D 91 -33.79 20.81 -14.18
N GLY D 92 -33.70 19.60 -13.70
CA GLY D 92 -34.56 19.14 -12.65
C GLY D 92 -34.62 20.07 -11.47
N ILE D 93 -33.43 20.36 -10.91
CA ILE D 93 -33.32 21.14 -9.69
C ILE D 93 -33.86 22.56 -9.86
N ILE D 94 -33.46 23.21 -10.97
CA ILE D 94 -33.85 24.57 -11.20
C ILE D 94 -35.35 24.64 -11.36
N SER D 95 -35.94 23.71 -12.13
CA SER D 95 -37.38 23.68 -12.33
C SER D 95 -38.12 23.64 -11.01
N ARG D 96 -37.69 22.69 -10.17
CA ARG D 96 -38.19 22.54 -8.81
C ARG D 96 -37.97 23.80 -7.97
N LEU D 97 -36.81 24.46 -8.15
CA LEU D 97 -36.49 25.64 -7.36
C LEU D 97 -37.30 26.83 -7.84
N GLU D 98 -37.50 26.94 -9.17
CA GLU D 98 -38.46 27.90 -9.77
C GLU D 98 -39.83 27.68 -9.19
N GLN D 99 -40.20 26.41 -9.03
CA GLN D 99 -41.49 26.10 -8.47
C GLN D 99 -41.64 26.75 -7.13
N ILE D 100 -40.63 26.65 -6.26
CA ILE D 100 -40.80 27.11 -4.86
C ILE D 100 -40.68 28.62 -4.73
N GLY D 101 -40.25 29.28 -5.79
CA GLY D 101 -40.39 30.72 -5.90
C GLY D 101 -39.09 31.48 -5.77
N TYR D 102 -37.96 30.79 -5.60
CA TYR D 102 -36.74 31.53 -5.28
C TYR D 102 -36.02 31.98 -6.54
N ILE D 103 -36.36 31.38 -7.69
CA ILE D 103 -35.56 31.50 -8.90
C ILE D 103 -36.47 31.73 -10.10
N GLU D 104 -35.93 32.42 -11.08
CA GLU D 104 -36.69 32.93 -12.21
C GLU D 104 -35.90 32.47 -13.42
N LYS D 105 -36.59 31.88 -14.38
CA LYS D 105 -35.94 31.26 -15.53
C LYS D 105 -36.20 32.20 -16.65
N PHE D 106 -35.15 32.57 -17.41
CA PHE D 106 -35.31 33.43 -18.60
C PHE D 106 -34.34 33.16 -19.74
N LYS D 107 -34.73 33.61 -20.93
CA LYS D 107 -33.93 33.51 -22.14
C LYS D 107 -33.67 34.93 -22.67
N LYS D 108 -32.38 35.20 -22.96
CA LYS D 108 -31.96 36.40 -23.65
C LYS D 108 -32.18 36.24 -25.16
N SER D 109 -32.66 37.32 -25.77
CA SER D 109 -33.16 37.31 -27.15
C SER D 109 -32.04 37.21 -28.19
N ASN D 110 -30.89 37.79 -27.86
CA ASN D 110 -29.69 37.66 -28.68
C ASN D 110 -29.23 36.22 -28.95
N ASP D 111 -29.50 35.29 -28.04
CA ASP D 111 -29.23 33.85 -28.25
C ASP D 111 -30.17 33.04 -27.39
N LYS D 112 -31.33 32.72 -27.94
CA LYS D 112 -32.44 32.19 -27.15
C LYS D 112 -32.28 30.70 -26.76
N ARG D 113 -31.23 30.03 -27.22
CA ARG D 113 -30.97 28.66 -26.78
C ARG D 113 -30.81 28.63 -25.28
N ASN D 114 -29.84 29.38 -24.79
CA ASN D 114 -29.55 29.44 -23.37
C ASN D 114 -30.74 29.74 -22.48
N THR D 115 -30.78 29.09 -21.33
CA THR D 115 -31.68 29.49 -20.31
C THR D 115 -30.88 29.93 -19.10
N TYR D 116 -31.20 31.12 -18.63
CA TYR D 116 -30.54 31.75 -17.54
C TYR D 116 -31.45 31.66 -16.36
N VAL D 117 -30.86 31.76 -15.18
CA VAL D 117 -31.60 31.81 -13.91
C VAL D 117 -31.15 33.00 -13.07
N LYS D 118 -32.08 33.60 -12.32
CA LYS D 118 -31.72 34.62 -11.32
C LYS D 118 -32.75 34.69 -10.20
N PHE D 119 -32.46 35.46 -9.17
CA PHE D 119 -33.33 35.50 -8.03
C PHE D 119 -34.61 36.21 -8.25
N THR D 120 -35.57 35.89 -7.41
CA THR D 120 -36.82 36.57 -7.46
C THR D 120 -36.75 37.45 -6.26
N THR D 121 -37.89 37.92 -5.81
CA THR D 121 -37.89 38.76 -4.65
C THR D 121 -37.73 37.88 -3.44
N THR D 122 -38.61 36.91 -3.31
CA THR D 122 -38.52 35.98 -2.15
C THR D 122 -37.14 35.36 -2.11
N GLY D 123 -36.65 34.98 -3.30
CA GLY D 123 -35.33 34.46 -3.52
C GLY D 123 -34.25 35.34 -2.94
N PHE D 124 -34.28 36.62 -3.30
CA PHE D 124 -33.25 37.56 -2.86
C PHE D 124 -33.29 37.77 -1.34
N GLU D 125 -34.47 38.05 -0.80
CA GLU D 125 -34.69 38.15 0.66
C GLU D 125 -34.08 36.99 1.41
N PHE D 126 -34.34 35.78 0.93
CA PHE D 126 -33.65 34.61 1.48
C PHE D 126 -32.14 34.75 1.29
N ALA D 127 -31.68 35.00 0.06
CA ALA D 127 -30.25 35.10 -0.16
C ALA D 127 -29.53 36.16 0.73
N THR D 128 -30.19 37.28 1.03
CA THR D 128 -29.57 38.27 1.92
C THR D 128 -29.75 37.86 3.37
N ASN D 129 -30.99 37.59 3.79
CA ASN D 129 -31.29 37.24 5.19
C ASN D 129 -30.58 36.01 5.74
N PHE D 130 -30.12 35.12 4.86
CA PHE D 130 -29.42 33.91 5.28
C PHE D 130 -28.03 33.82 4.71
N LYS D 131 -27.53 34.89 4.12
CA LYS D 131 -26.18 34.88 3.56
C LYS D 131 -25.13 34.23 4.49
N ILE D 132 -25.04 34.71 5.75
CA ILE D 132 -23.96 34.25 6.66
C ILE D 132 -24.20 32.78 7.04
N LYS D 133 -25.45 32.45 7.38
CA LYS D 133 -25.83 31.03 7.61
C LYS D 133 -25.35 30.05 6.51
N MET D 134 -25.43 30.48 5.25
CA MET D 134 -24.93 29.67 4.18
C MET D 134 -23.42 29.68 4.20
N GLN D 135 -22.82 30.82 4.53
CA GLN D 135 -21.39 30.85 4.67
C GLN D 135 -20.98 29.89 5.78
N GLU D 136 -21.66 29.99 6.91
CA GLU D 136 -21.31 29.18 8.08
C GLU D 136 -21.57 27.67 7.97
N SER D 137 -22.66 27.27 7.32
CA SER D 137 -22.98 25.84 7.17
C SER D 137 -21.82 25.09 6.58
N PHE D 138 -21.26 25.65 5.51
CA PHE D 138 -20.04 25.12 4.96
C PHE D 138 -18.82 25.28 5.85
N ASP D 139 -18.60 26.47 6.40
CA ASP D 139 -17.34 26.75 7.13
C ASP D 139 -17.18 26.00 8.46
N ASP D 140 -18.29 25.78 9.18
CA ASP D 140 -18.30 25.08 10.49
C ASP D 140 -17.91 23.59 10.45
N ILE D 141 -18.01 22.99 9.27
CA ILE D 141 -17.64 21.59 9.07
C ILE D 141 -16.13 21.44 9.24
N PHE D 142 -15.39 22.49 8.89
CA PHE D 142 -13.95 22.47 8.95
C PHE D 142 -13.45 23.45 10.00
N LYS D 143 -14.24 23.74 11.03
CA LYS D 143 -13.86 24.74 12.05
C LYS D 143 -12.66 24.26 12.90
N ASN D 144 -12.75 23.03 13.44
CA ASN D 144 -11.66 22.41 14.19
C ASN D 144 -10.60 21.84 13.26
N CYS D 145 -10.80 22.00 11.95
CA CYS D 145 -9.74 21.86 10.95
C CYS D 145 -8.82 23.09 11.06
N ASP D 146 -7.59 22.96 10.55
CA ASP D 146 -6.62 24.05 10.59
C ASP D 146 -6.22 24.49 9.20
N GLU D 147 -6.04 25.78 9.01
CA GLU D 147 -5.76 26.31 7.68
C GLU D 147 -4.79 25.56 6.82
N ASN D 148 -3.62 25.23 7.32
CA ASN D 148 -2.62 24.60 6.47
C ASN D 148 -3.05 23.26 5.96
N GLU D 149 -3.59 22.44 6.83
CA GLU D 149 -4.09 21.16 6.39
C GLU D 149 -5.06 21.47 5.27
N LEU D 150 -6.04 22.28 5.60
CA LEU D 150 -7.03 22.69 4.57
C LEU D 150 -6.36 23.22 3.31
N SER D 151 -5.40 24.11 3.49
CA SER D 151 -4.66 24.70 2.39
C SER D 151 -4.05 23.60 1.53
N ASP D 152 -3.47 22.61 2.16
CA ASP D 152 -2.79 21.58 1.42
C ASP D 152 -3.71 20.69 0.64
N LEU D 153 -4.87 20.40 1.20
CA LEU D 153 -5.77 19.48 0.54
C LEU D 153 -6.07 19.94 -0.86
N VAL D 154 -6.42 21.21 -1.00
CA VAL D 154 -6.80 21.71 -2.29
C VAL D 154 -5.79 21.27 -3.30
N LYS D 155 -4.53 21.58 -3.05
CA LYS D 155 -3.47 21.15 -3.93
C LYS D 155 -3.70 19.73 -4.35
N ASN D 156 -3.63 18.82 -3.41
CA ASN D 156 -3.76 17.39 -3.76
C ASN D 156 -4.95 17.16 -4.72
N LEU D 157 -6.04 17.87 -4.44
CA LEU D 157 -7.21 17.80 -5.28
C LEU D 157 -6.82 18.41 -6.61
N ARG D 158 -6.41 19.66 -6.57
CA ARG D 158 -6.16 20.43 -7.77
C ARG D 158 -5.34 19.65 -8.79
N ASN D 159 -4.30 18.98 -8.30
CA ASN D 159 -3.34 18.27 -9.15
C ASN D 159 -3.86 16.93 -9.65
N ILE D 160 -4.34 16.12 -8.72
CA ILE D 160 -4.92 14.84 -9.09
C ILE D 160 -6.13 15.09 -10.03
N LEU D 161 -6.89 16.13 -9.73
CA LEU D 161 -8.01 16.54 -10.58
C LEU D 161 -7.50 16.92 -11.97
N ALA D 162 -6.48 17.77 -12.03
CA ALA D 162 -5.85 18.20 -13.29
C ALA D 162 -5.28 17.02 -14.09
N LYS D 163 -4.64 16.09 -13.38
CA LYS D 163 -4.09 14.89 -14.00
C LYS D 163 -5.21 14.06 -14.62
N VAL D 164 -6.34 13.95 -13.91
CA VAL D 164 -7.49 13.16 -14.38
C VAL D 164 -8.20 13.83 -15.59
N LYS D 165 -8.32 15.16 -15.56
CA LYS D 165 -8.87 15.96 -16.69
C LYS D 165 -7.76 16.66 -17.48
N ASP E 29 7.55 34.35 -15.34
CA ASP E 29 8.32 33.35 -16.14
C ASP E 29 9.22 32.57 -15.19
N CYS E 30 9.16 31.23 -15.29
CA CYS E 30 10.04 30.33 -14.53
C CYS E 30 11.37 30.07 -15.24
N PHE E 31 11.38 30.09 -16.59
CA PHE E 31 12.62 29.87 -17.34
C PHE E 31 13.69 30.89 -16.96
N ARG E 32 13.28 32.15 -16.86
CA ARG E 32 14.10 33.19 -16.25
C ARG E 32 14.88 32.64 -15.04
N ILE E 33 14.14 32.11 -14.05
CA ILE E 33 14.71 31.65 -12.76
C ILE E 33 15.84 30.61 -12.96
N ALA E 34 15.70 29.76 -13.96
CA ALA E 34 16.73 28.76 -14.30
C ALA E 34 18.02 29.39 -14.81
N MET E 35 17.91 30.47 -15.58
CA MET E 35 19.08 31.19 -16.08
C MET E 35 19.78 32.03 -15.02
N LEU E 36 19.03 32.58 -14.06
CA LEU E 36 19.62 33.20 -12.86
C LEU E 36 20.32 32.15 -12.01
N LEU E 37 19.67 31.01 -11.82
CA LEU E 37 20.30 29.85 -11.18
C LEU E 37 21.56 29.42 -11.93
N LYS E 38 21.46 29.35 -13.25
CA LYS E 38 22.60 28.98 -14.08
C LYS E 38 23.70 30.00 -13.82
N GLU E 39 23.44 31.25 -14.18
CA GLU E 39 24.41 32.35 -13.97
C GLU E 39 25.12 32.22 -12.63
N LEU E 40 24.35 32.06 -11.56
CA LEU E 40 24.90 32.01 -10.20
C LEU E 40 25.73 30.73 -9.98
N TYR E 41 25.19 29.59 -10.41
CA TYR E 41 25.93 28.33 -10.34
C TYR E 41 27.17 28.43 -11.25
N SER E 42 26.92 28.62 -12.56
CA SER E 42 27.97 28.82 -13.58
C SER E 42 29.16 29.59 -13.05
N LYS E 43 28.89 30.80 -12.61
CA LYS E 43 29.93 31.72 -12.19
C LYS E 43 30.56 31.26 -10.87
N THR E 44 29.76 30.67 -9.96
CA THR E 44 30.30 30.14 -8.69
C THR E 44 31.24 28.94 -8.90
N MET E 45 30.90 28.03 -9.81
CA MET E 45 31.66 26.78 -9.94
C MET E 45 32.93 26.94 -10.76
N TYR E 46 32.87 27.65 -11.90
CA TYR E 46 34.07 27.85 -12.72
C TYR E 46 35.12 28.78 -12.05
N THR E 47 34.74 29.45 -10.95
CA THR E 47 35.69 30.00 -9.97
C THR E 47 36.74 28.99 -9.54
N VAL E 48 36.27 27.78 -9.21
CA VAL E 48 37.07 26.78 -8.52
C VAL E 48 37.75 25.82 -9.52
N GLU E 49 37.25 25.78 -10.77
CA GLU E 49 38.07 25.34 -11.91
C GLU E 49 39.37 26.16 -11.88
N GLU E 50 39.21 27.49 -11.81
CA GLU E 50 40.32 28.45 -11.93
C GLU E 50 41.30 28.43 -10.75
N ASN E 51 40.78 28.42 -9.53
CA ASN E 51 41.62 28.51 -8.32
C ASN E 51 42.72 27.43 -8.24
N PHE E 52 42.35 26.21 -8.62
CA PHE E 52 43.24 25.05 -8.49
C PHE E 52 43.82 24.56 -9.82
N LYS E 53 43.91 25.50 -10.78
CA LYS E 53 44.80 25.40 -11.96
C LYS E 53 46.22 24.99 -11.56
N GLU E 54 46.72 25.61 -10.49
CA GLU E 54 48.07 25.39 -9.96
C GLU E 54 48.38 23.91 -9.61
N ASN E 55 47.32 23.14 -9.32
CA ASN E 55 47.41 21.70 -9.01
C ASN E 55 47.28 20.81 -10.25
N GLY E 56 46.34 21.17 -11.13
CA GLY E 56 45.85 20.31 -12.19
C GLY E 56 44.63 19.57 -11.68
N LEU E 57 43.61 20.33 -11.25
CA LEU E 57 42.43 19.79 -10.53
C LEU E 57 41.12 20.56 -10.85
N THR E 58 40.02 19.81 -11.04
CA THR E 58 38.72 20.37 -11.46
C THR E 58 37.94 21.01 -10.30
N HIS E 59 36.80 21.64 -10.61
CA HIS E 59 35.97 22.28 -9.58
C HIS E 59 35.19 21.25 -8.75
N GLN E 60 34.64 20.24 -9.42
CA GLN E 60 33.85 19.20 -8.74
C GLN E 60 34.69 18.32 -7.81
N GLN E 61 35.89 17.94 -8.25
CA GLN E 61 36.75 17.11 -7.39
C GLN E 61 37.23 17.79 -6.11
N ILE E 62 37.04 19.11 -6.01
CA ILE E 62 37.15 19.82 -4.74
C ILE E 62 35.88 19.61 -3.88
N ILE E 63 34.71 19.53 -4.51
CA ILE E 63 33.43 19.23 -3.81
C ILE E 63 33.47 17.79 -3.25
N VAL E 64 34.09 16.88 -3.99
CA VAL E 64 34.28 15.49 -3.54
C VAL E 64 35.16 15.44 -2.28
N ILE E 65 36.20 16.27 -2.24
CA ILE E 65 37.08 16.41 -1.05
C ILE E 65 36.35 17.10 0.12
N LYS E 66 35.53 18.10 -0.19
CA LYS E 66 34.77 18.82 0.82
C LYS E 66 33.64 17.97 1.45
N LEU E 67 33.16 16.95 0.73
CA LEU E 67 32.18 15.99 1.27
C LEU E 67 32.82 14.82 2.01
N VAL E 68 33.96 14.34 1.52
CA VAL E 68 34.71 13.26 2.19
C VAL E 68 35.38 13.81 3.45
N ALA E 69 36.25 14.80 3.32
CA ALA E 69 36.87 15.37 4.48
C ALA E 69 35.88 15.32 5.63
N HIS E 70 34.66 15.72 5.36
CA HIS E 70 33.66 15.74 6.40
C HIS E 70 33.42 14.35 6.97
N ASN E 71 33.25 13.36 6.11
CA ASN E 71 32.90 12.01 6.58
C ASN E 71 34.00 10.97 6.47
N GLN E 72 35.02 11.24 5.65
CA GLN E 72 36.15 10.30 5.45
C GLN E 72 35.85 9.10 4.53
N GLU E 73 34.92 8.24 4.92
CA GLU E 73 34.53 7.10 4.06
C GLU E 73 33.13 7.34 3.50
N LEU E 74 32.87 6.96 2.25
CA LEU E 74 31.55 7.17 1.63
C LEU E 74 31.31 6.32 0.37
N THR E 75 30.03 6.03 0.09
CA THR E 75 29.63 5.24 -1.08
C THR E 75 29.22 6.11 -2.24
N ILE E 76 29.19 5.49 -3.42
CA ILE E 76 28.79 6.14 -4.68
C ILE E 76 27.34 6.66 -4.55
N SER E 77 26.50 5.89 -3.87
CA SER E 77 25.09 6.23 -3.61
C SER E 77 24.91 7.51 -2.83
N GLN E 78 25.62 7.61 -1.72
CA GLN E 78 25.50 8.75 -0.79
C GLN E 78 26.08 10.04 -1.34
N LEU E 79 27.09 9.93 -2.21
CA LEU E 79 27.59 11.09 -2.96
C LEU E 79 26.44 11.75 -3.73
N CYS E 80 25.77 10.95 -4.54
CA CYS E 80 24.71 11.39 -5.45
C CYS E 80 23.56 12.23 -4.80
N ASP E 81 23.28 12.04 -3.51
CA ASP E 81 22.29 12.88 -2.79
C ASP E 81 22.85 14.25 -2.41
N GLU E 82 24.13 14.30 -2.05
CA GLU E 82 24.80 15.56 -1.70
C GLU E 82 25.13 16.37 -2.97
N MET E 83 25.88 15.75 -3.89
CA MET E 83 26.26 16.37 -5.19
C MET E 83 25.13 16.55 -6.20
N SER E 84 24.02 15.82 -6.05
CA SER E 84 22.81 16.02 -6.86
C SER E 84 23.06 15.67 -8.33
N LEU E 85 23.50 14.44 -8.48
CA LEU E 85 24.30 14.02 -9.62
C LEU E 85 24.13 12.51 -9.79
N ALA E 86 24.20 12.03 -11.02
CA ALA E 86 23.87 10.63 -11.35
C ALA E 86 25.01 9.66 -11.02
N LYS E 87 24.76 8.36 -11.17
CA LYS E 87 25.74 7.33 -10.81
C LYS E 87 26.92 7.28 -11.79
N GLY E 88 26.65 6.81 -13.02
CA GLY E 88 27.70 6.61 -14.05
C GLY E 88 28.61 7.80 -14.31
N THR E 89 28.09 8.99 -14.03
CA THR E 89 28.85 10.22 -13.85
C THR E 89 29.86 10.04 -12.71
N VAL E 90 29.34 9.80 -11.51
CA VAL E 90 30.15 9.73 -10.29
C VAL E 90 31.02 8.44 -10.23
N SER E 91 30.59 7.38 -10.91
CA SER E 91 31.44 6.20 -11.14
C SER E 91 32.67 6.54 -11.99
N GLY E 92 32.46 7.31 -13.05
CA GLY E 92 33.53 7.87 -13.86
C GLY E 92 34.45 8.79 -13.07
N ILE E 93 33.87 9.76 -12.35
CA ILE E 93 34.62 10.74 -11.52
C ILE E 93 35.60 10.08 -10.55
N ILE E 94 35.12 9.07 -9.84
CA ILE E 94 35.90 8.40 -8.79
C ILE E 94 36.94 7.44 -9.41
N SER E 95 36.66 6.90 -10.61
CA SER E 95 37.65 6.14 -11.42
C SER E 95 38.91 6.94 -11.75
N ARG E 96 38.74 8.26 -11.93
CA ARG E 96 39.84 9.20 -12.15
C ARG E 96 40.59 9.40 -10.85
N LEU E 97 39.85 9.80 -9.82
CA LEU E 97 40.42 10.06 -8.49
C LEU E 97 41.24 8.88 -7.93
N GLU E 98 40.85 7.67 -8.32
CA GLU E 98 41.61 6.44 -8.02
C GLU E 98 42.89 6.32 -8.85
N GLN E 99 42.77 6.48 -10.18
CA GLN E 99 43.93 6.41 -11.10
C GLN E 99 44.87 7.62 -11.01
N ILE E 100 44.43 8.68 -10.32
CA ILE E 100 45.28 9.83 -9.97
C ILE E 100 45.71 9.73 -8.48
N GLY E 101 46.07 8.50 -8.05
CA GLY E 101 46.67 8.22 -6.73
C GLY E 101 46.18 8.93 -5.48
N TYR E 102 44.88 9.28 -5.43
CA TYR E 102 44.29 10.01 -4.30
C TYR E 102 43.37 9.15 -3.42
N ILE E 103 42.41 8.46 -4.05
CA ILE E 103 41.40 7.63 -3.35
C ILE E 103 41.59 6.13 -3.59
N GLU E 104 40.86 5.33 -2.82
CA GLU E 104 40.78 3.87 -2.98
C GLU E 104 39.37 3.35 -2.72
N LYS E 105 39.00 2.28 -3.45
CA LYS E 105 37.71 1.61 -3.27
C LYS E 105 37.90 0.31 -2.49
N PHE E 106 37.37 0.26 -1.27
CA PHE E 106 37.42 -0.94 -0.43
C PHE E 106 36.01 -1.30 0.03
N LYS E 107 35.73 -2.61 0.10
CA LYS E 107 34.40 -3.13 0.48
C LYS E 107 34.44 -3.86 1.83
N LYS E 108 33.24 -4.19 2.31
CA LYS E 108 33.06 -5.05 3.47
C LYS E 108 32.02 -6.11 3.09
N SER E 109 32.27 -7.36 3.47
CA SER E 109 31.51 -8.52 2.91
C SER E 109 30.06 -8.73 3.44
N ASN E 110 29.61 -7.94 4.42
CA ASN E 110 28.18 -7.89 4.79
C ASN E 110 27.29 -7.33 3.67
N ASP E 111 27.85 -6.44 2.84
CA ASP E 111 27.28 -6.09 1.54
C ASP E 111 28.41 -5.91 0.52
N LYS E 112 28.56 -6.87 -0.40
CA LYS E 112 29.63 -6.87 -1.41
C LYS E 112 29.35 -6.02 -2.67
N ARG E 113 28.27 -5.23 -2.67
CA ARG E 113 28.01 -4.25 -3.73
C ARG E 113 28.59 -2.85 -3.42
N ASN E 114 28.52 -2.44 -2.15
CA ASN E 114 29.10 -1.18 -1.67
C ASN E 114 30.62 -1.02 -1.85
N THR E 115 31.03 -0.10 -2.72
CA THR E 115 32.40 0.43 -2.71
C THR E 115 32.44 1.63 -1.77
N TYR E 116 33.39 1.65 -0.83
CA TYR E 116 33.61 2.81 0.06
C TYR E 116 34.83 3.60 -0.40
N VAL E 117 34.63 4.91 -0.59
CA VAL E 117 35.66 5.83 -1.07
C VAL E 117 36.20 6.63 0.10
N LYS E 118 37.50 6.51 0.34
CA LYS E 118 38.21 7.28 1.36
C LYS E 118 39.60 7.69 0.87
N PHE E 119 40.32 8.47 1.68
CA PHE E 119 41.68 8.90 1.34
C PHE E 119 42.70 7.77 1.52
N THR E 120 43.80 7.84 0.77
CA THR E 120 45.06 7.19 1.14
C THR E 120 45.84 8.24 1.97
N THR E 121 47.10 7.98 2.29
CA THR E 121 47.97 9.02 2.86
C THR E 121 48.15 10.19 1.88
N THR E 122 48.16 9.89 0.57
CA THR E 122 48.18 10.90 -0.51
C THR E 122 46.97 11.84 -0.48
N GLY E 123 45.79 11.28 -0.20
CA GLY E 123 44.56 12.06 0.00
C GLY E 123 44.59 12.87 1.29
N PHE E 124 45.11 12.30 2.37
CA PHE E 124 45.41 13.05 3.60
C PHE E 124 46.42 14.17 3.33
N GLU E 125 47.45 13.86 2.54
CA GLU E 125 48.49 14.82 2.15
C GLU E 125 47.92 16.04 1.41
N PHE E 126 46.84 15.83 0.65
CA PHE E 126 46.12 16.92 -0.01
C PHE E 126 45.18 17.69 0.94
N ALA E 127 44.63 16.98 1.92
CA ALA E 127 43.78 17.56 2.97
C ALA E 127 44.55 18.04 4.22
N THR E 128 45.88 17.96 4.21
CA THR E 128 46.73 18.44 5.33
C THR E 128 47.64 19.60 4.89
N ASN E 129 48.52 19.33 3.92
CA ASN E 129 49.50 20.32 3.45
C ASN E 129 48.95 21.41 2.53
N PHE E 130 47.73 21.24 2.03
CA PHE E 130 46.92 22.37 1.52
C PHE E 130 45.47 22.29 2.02
N LYS E 131 45.37 22.33 3.35
CA LYS E 131 44.16 22.68 4.10
C LYS E 131 44.16 24.18 4.45
N ILE E 132 45.30 24.85 4.19
CA ILE E 132 45.45 26.30 4.36
C ILE E 132 44.60 27.10 3.34
N LYS E 133 44.10 26.43 2.28
CA LYS E 133 43.20 27.03 1.26
C LYS E 133 41.77 26.43 1.20
N MET E 134 41.49 25.38 2.00
CA MET E 134 40.27 24.57 1.82
C MET E 134 38.97 25.34 2.03
N GLN E 135 38.65 25.70 3.27
CA GLN E 135 37.44 26.49 3.54
C GLN E 135 37.54 27.92 3.00
N GLU E 136 38.76 28.40 2.76
CA GLU E 136 38.97 29.76 2.23
C GLU E 136 38.24 30.00 0.89
N SER E 137 38.34 29.04 -0.04
CA SER E 137 37.76 29.17 -1.40
C SER E 137 36.27 29.56 -1.45
N PHE E 138 35.45 28.86 -0.67
CA PHE E 138 34.01 29.13 -0.62
C PHE E 138 33.67 30.37 0.19
N ASP E 139 34.41 30.60 1.29
CA ASP E 139 34.28 31.85 2.05
C ASP E 139 34.69 33.06 1.19
N ASP E 140 35.58 32.84 0.22
CA ASP E 140 35.99 33.88 -0.73
C ASP E 140 34.92 34.24 -1.80
N ILE E 141 33.97 33.34 -2.06
CA ILE E 141 33.04 33.50 -3.19
C ILE E 141 32.08 34.71 -3.03
N PHE E 142 31.67 34.98 -1.80
CA PHE E 142 30.75 36.07 -1.56
C PHE E 142 31.29 37.01 -0.51
N LYS E 143 31.51 38.26 -0.85
CA LYS E 143 31.93 39.22 0.16
C LYS E 143 30.95 40.38 0.32
N ASN E 144 30.30 40.76 -0.76
CA ASN E 144 29.39 41.90 -0.71
C ASN E 144 28.11 41.57 0.02
N CYS E 145 27.73 40.30 -0.01
CA CYS E 145 26.47 39.90 0.60
C CYS E 145 26.34 40.34 2.05
N ASP E 146 25.16 40.80 2.43
CA ASP E 146 24.94 41.16 3.83
C ASP E 146 24.52 39.90 4.58
N GLU E 147 24.52 39.94 5.90
CA GLU E 147 24.21 38.70 6.65
C GLU E 147 22.72 38.34 6.72
N ASN E 148 21.86 39.18 6.11
CA ASN E 148 20.48 38.79 5.77
C ASN E 148 20.39 37.78 4.60
N GLU E 149 21.51 37.53 3.92
CA GLU E 149 21.58 36.48 2.90
C GLU E 149 21.33 35.11 3.51
N LEU E 150 22.10 34.76 4.55
CA LEU E 150 21.94 33.47 5.26
C LEU E 150 20.56 33.30 5.90
N SER E 151 19.93 34.40 6.30
CA SER E 151 18.58 34.39 6.86
C SER E 151 17.51 34.16 5.78
N ASP E 152 17.51 35.04 4.77
CA ASP E 152 16.40 35.15 3.82
C ASP E 152 16.54 34.31 2.52
N LEU E 153 17.77 34.03 2.07
CA LEU E 153 18.01 33.22 0.85
C LEU E 153 17.88 31.71 1.09
N VAL E 154 18.55 31.23 2.14
CA VAL E 154 18.88 29.80 2.31
C VAL E 154 17.69 28.97 2.78
N LYS E 155 16.80 29.58 3.57
CA LYS E 155 15.45 29.03 3.79
C LYS E 155 14.75 28.95 2.42
N ASN E 156 14.41 30.11 1.85
CA ASN E 156 13.68 30.20 0.56
C ASN E 156 14.25 29.32 -0.56
N LEU E 157 15.57 29.22 -0.64
CA LEU E 157 16.25 28.33 -1.58
C LEU E 157 15.90 26.86 -1.30
N ARG E 158 16.21 26.38 -0.09
CA ARG E 158 15.88 24.99 0.30
C ARG E 158 14.37 24.78 0.58
N ASN E 159 13.61 25.87 0.70
CA ASN E 159 12.15 25.80 0.85
C ASN E 159 11.46 25.35 -0.43
N ILE E 160 11.84 25.93 -1.56
CA ILE E 160 11.32 25.49 -2.86
C ILE E 160 11.86 24.09 -3.18
N LEU E 161 13.16 23.91 -2.92
CA LEU E 161 13.82 22.59 -2.99
C LEU E 161 12.95 21.47 -2.38
N ALA E 162 12.32 21.75 -1.24
CA ALA E 162 11.42 20.80 -0.55
C ALA E 162 10.19 20.43 -1.38
N LYS E 163 9.47 21.44 -1.86
CA LYS E 163 8.24 21.22 -2.65
C LYS E 163 8.49 21.00 -4.15
N VAL E 164 9.73 21.21 -4.58
CA VAL E 164 10.22 20.62 -5.82
C VAL E 164 10.38 19.11 -5.58
N LYS E 165 11.33 18.73 -4.71
CA LYS E 165 11.51 17.34 -4.28
C LYS E 165 12.40 17.28 -3.03
N ASP F 29 28.10 28.91 6.75
CA ASP F 29 29.00 28.78 5.56
C ASP F 29 28.22 28.94 4.25
N CYS F 30 28.90 28.79 3.11
CA CYS F 30 28.23 28.77 1.78
C CYS F 30 28.61 27.59 0.84
N PHE F 31 29.40 26.63 1.32
CA PHE F 31 29.53 25.35 0.61
C PHE F 31 28.16 24.69 0.53
N ARG F 32 27.41 24.73 1.63
CA ARG F 32 26.03 24.26 1.66
C ARG F 32 25.19 25.01 0.61
N ILE F 33 25.25 26.34 0.62
CA ILE F 33 24.49 27.18 -0.33
C ILE F 33 24.81 26.83 -1.79
N ALA F 34 26.08 26.54 -2.08
CA ALA F 34 26.46 26.03 -3.40
C ALA F 34 25.80 24.66 -3.65
N MET F 35 25.84 23.79 -2.65
CA MET F 35 25.20 22.47 -2.74
C MET F 35 23.66 22.47 -2.71
N LEU F 36 23.03 23.62 -2.55
CA LEU F 36 21.57 23.78 -2.76
C LEU F 36 21.27 24.35 -4.15
N LEU F 37 22.14 25.24 -4.62
CA LEU F 37 22.10 25.73 -6.01
C LEU F 37 22.41 24.59 -6.97
N LYS F 38 23.42 23.79 -6.61
CA LYS F 38 23.71 22.53 -7.26
C LYS F 38 22.48 21.63 -7.24
N GLU F 39 21.96 21.38 -6.02
CA GLU F 39 20.83 20.45 -5.81
C GLU F 39 19.59 20.88 -6.57
N LEU F 40 19.31 22.19 -6.59
CA LEU F 40 18.25 22.74 -7.44
C LEU F 40 18.67 22.61 -8.92
N TYR F 41 19.63 23.43 -9.36
CA TYR F 41 19.91 23.62 -10.80
C TYR F 41 19.91 22.32 -11.62
N SER F 42 20.74 21.35 -11.24
CA SER F 42 20.93 20.13 -12.05
C SER F 42 19.60 19.49 -12.33
N LYS F 43 18.90 19.13 -11.25
CA LYS F 43 17.64 18.44 -11.38
C LYS F 43 16.54 19.38 -11.90
N THR F 44 16.64 20.67 -11.63
CA THR F 44 15.80 21.68 -12.33
C THR F 44 15.94 21.55 -13.85
N MET F 45 17.19 21.60 -14.32
CA MET F 45 17.51 21.46 -15.74
C MET F 45 17.18 20.09 -16.28
N TYR F 46 17.68 19.06 -15.60
CA TYR F 46 17.72 17.70 -16.17
C TYR F 46 16.33 17.12 -16.34
N THR F 47 15.38 17.58 -15.52
CA THR F 47 13.95 17.52 -15.83
C THR F 47 13.67 17.76 -17.31
N VAL F 48 14.16 18.89 -17.80
CA VAL F 48 13.80 19.39 -19.11
C VAL F 48 14.39 18.51 -20.25
N GLU F 49 15.50 17.81 -19.98
CA GLU F 49 16.04 16.82 -20.93
C GLU F 49 14.97 15.79 -21.17
N GLU F 50 14.51 15.19 -20.08
CA GLU F 50 13.45 14.20 -20.09
C GLU F 50 12.27 14.76 -20.86
N ASN F 51 11.82 15.95 -20.48
CA ASN F 51 10.63 16.59 -21.06
C ASN F 51 10.59 16.56 -22.60
N PHE F 52 11.77 16.56 -23.23
CA PHE F 52 11.93 16.51 -24.70
C PHE F 52 12.81 15.35 -25.20
N LYS F 53 13.06 14.36 -24.33
CA LYS F 53 14.10 13.35 -24.60
C LYS F 53 13.81 12.50 -25.83
N GLU F 54 12.52 12.19 -26.06
CA GLU F 54 12.11 11.37 -27.22
C GLU F 54 12.46 12.02 -28.56
N ASN F 55 12.56 13.35 -28.54
CA ASN F 55 13.07 14.12 -29.68
C ASN F 55 14.58 13.90 -29.88
N GLY F 56 15.32 13.80 -28.78
CA GLY F 56 16.77 13.63 -28.79
C GLY F 56 17.48 14.98 -28.75
N LEU F 57 16.98 15.86 -27.88
CA LEU F 57 17.55 17.19 -27.69
C LEU F 57 17.89 17.36 -26.24
N THR F 58 19.14 17.74 -25.97
CA THR F 58 19.60 18.04 -24.63
C THR F 58 18.88 19.30 -24.12
N HIS F 59 19.05 19.61 -22.83
CA HIS F 59 18.44 20.81 -22.24
C HIS F 59 19.15 22.06 -22.76
N GLN F 60 20.41 21.87 -23.16
CA GLN F 60 21.19 22.89 -23.85
C GLN F 60 20.50 23.24 -25.17
N GLN F 61 20.37 22.26 -26.06
CA GLN F 61 19.77 22.46 -27.38
C GLN F 61 18.39 23.13 -27.35
N ILE F 62 17.63 22.91 -26.26
CA ILE F 62 16.38 23.61 -26.03
C ILE F 62 16.65 25.07 -25.68
N ILE F 63 17.37 25.32 -24.58
CA ILE F 63 17.53 26.71 -24.07
C ILE F 63 17.92 27.62 -25.22
N VAL F 64 18.84 27.14 -26.06
CA VAL F 64 19.19 27.84 -27.29
C VAL F 64 17.93 28.12 -28.15
N ILE F 65 17.24 27.05 -28.59
CA ILE F 65 16.00 27.14 -29.39
C ILE F 65 14.90 28.03 -28.74
N LYS F 66 14.81 27.97 -27.40
CA LYS F 66 13.89 28.81 -26.62
C LYS F 66 14.25 30.29 -26.70
N LEU F 67 15.56 30.59 -26.76
CA LEU F 67 16.06 31.95 -26.97
C LEU F 67 16.02 32.45 -28.45
N VAL F 68 16.09 31.55 -29.43
CA VAL F 68 15.98 31.94 -30.87
C VAL F 68 14.56 32.43 -31.26
N ALA F 69 13.51 31.81 -30.72
CA ALA F 69 12.13 32.30 -30.92
C ALA F 69 11.86 33.60 -30.15
N HIS F 70 12.25 33.61 -28.87
CA HIS F 70 12.01 34.73 -27.94
C HIS F 70 12.72 36.03 -28.36
N ASN F 71 14.03 35.94 -28.61
CA ASN F 71 14.86 37.10 -28.99
C ASN F 71 15.06 37.28 -30.52
N GLN F 72 14.40 36.44 -31.33
CA GLN F 72 14.49 36.47 -32.82
C GLN F 72 15.86 36.05 -33.38
N GLU F 73 16.88 36.87 -33.13
CA GLU F 73 18.26 36.59 -33.54
C GLU F 73 19.21 37.13 -32.47
N LEU F 74 20.16 36.31 -32.05
CA LEU F 74 21.25 36.73 -31.17
C LEU F 74 22.59 36.27 -31.75
N THR F 75 23.68 36.89 -31.28
CA THR F 75 25.03 36.49 -31.67
C THR F 75 25.58 35.47 -30.68
N ILE F 76 26.67 34.82 -31.08
CA ILE F 76 27.34 33.83 -30.23
C ILE F 76 27.86 34.45 -28.91
N SER F 77 28.24 35.73 -28.96
CA SER F 77 28.60 36.49 -27.73
C SER F 77 27.38 36.68 -26.82
N GLN F 78 26.26 37.12 -27.41
CA GLN F 78 25.00 37.36 -26.67
C GLN F 78 24.40 36.08 -26.06
N LEU F 79 24.67 34.93 -26.69
CA LEU F 79 24.29 33.64 -26.11
C LEU F 79 24.94 33.45 -24.75
N CYS F 80 26.26 33.65 -24.68
CA CYS F 80 27.01 33.57 -23.40
C CYS F 80 26.54 34.57 -22.31
N ASP F 81 25.98 35.70 -22.73
CA ASP F 81 25.42 36.70 -21.81
C ASP F 81 24.16 36.20 -21.08
N GLU F 82 23.31 35.48 -21.81
CA GLU F 82 22.11 34.86 -21.24
C GLU F 82 22.48 33.50 -20.62
N MET F 83 23.12 32.63 -21.43
CA MET F 83 23.46 31.25 -21.03
C MET F 83 24.59 31.13 -20.01
N SER F 84 25.27 32.24 -19.69
CA SER F 84 26.30 32.26 -18.65
C SER F 84 27.34 31.18 -18.96
N LEU F 85 27.78 31.17 -20.21
CA LEU F 85 28.67 30.10 -20.64
C LEU F 85 29.91 30.58 -21.35
N ALA F 86 30.35 29.82 -22.33
CA ALA F 86 31.56 30.16 -23.04
C ALA F 86 31.50 29.75 -24.48
N LYS F 87 32.15 30.52 -25.32
CA LYS F 87 32.07 30.28 -26.75
C LYS F 87 32.52 28.92 -27.20
N GLY F 88 33.58 28.42 -26.60
CA GLY F 88 34.12 27.14 -27.03
C GLY F 88 32.98 26.17 -26.94
N THR F 89 32.18 26.31 -25.90
CA THR F 89 31.03 25.44 -25.75
C THR F 89 30.00 25.82 -26.76
N VAL F 90 29.60 27.08 -26.74
CA VAL F 90 28.55 27.53 -27.62
C VAL F 90 28.84 27.22 -29.08
N SER F 91 30.02 27.56 -29.57
CA SER F 91 30.29 27.20 -30.96
C SER F 91 29.99 25.70 -31.21
N GLY F 92 30.32 24.87 -30.22
CA GLY F 92 30.10 23.42 -30.30
C GLY F 92 28.64 23.03 -30.39
N ILE F 93 27.84 23.59 -29.48
CA ILE F 93 26.39 23.36 -29.54
C ILE F 93 25.89 23.81 -30.91
N ILE F 94 26.17 25.07 -31.24
CA ILE F 94 25.67 25.75 -32.44
C ILE F 94 26.14 25.03 -33.70
N SER F 95 27.37 24.54 -33.67
CA SER F 95 27.89 23.66 -34.71
C SER F 95 26.90 22.54 -34.93
N ARG F 96 26.60 21.81 -33.86
CA ARG F 96 25.73 20.64 -33.92
C ARG F 96 24.29 20.97 -34.37
N LEU F 97 23.68 21.99 -33.76
CA LEU F 97 22.36 22.47 -34.20
C LEU F 97 22.31 22.98 -35.65
N GLU F 98 23.38 23.62 -36.12
CA GLU F 98 23.52 23.97 -37.56
C GLU F 98 23.78 22.73 -38.42
N GLN F 99 24.46 21.75 -37.84
CA GLN F 99 24.76 20.48 -38.50
C GLN F 99 23.64 19.42 -38.30
N ILE F 100 22.43 19.88 -37.93
CA ILE F 100 21.23 19.02 -37.79
C ILE F 100 19.94 19.68 -38.37
N GLY F 101 20.09 20.60 -39.33
CA GLY F 101 18.95 21.23 -40.03
C GLY F 101 18.15 22.29 -39.30
N TYR F 102 18.33 22.42 -37.98
CA TYR F 102 17.42 23.21 -37.10
C TYR F 102 17.70 24.71 -37.10
N ILE F 103 18.96 25.03 -36.82
CA ILE F 103 19.43 26.40 -36.59
C ILE F 103 20.24 26.85 -37.80
N GLU F 104 20.17 28.16 -38.09
CA GLU F 104 20.96 28.81 -39.13
C GLU F 104 21.93 29.85 -38.52
N LYS F 105 22.94 30.22 -39.31
CA LYS F 105 24.15 30.90 -38.84
C LYS F 105 24.68 31.78 -39.98
N PHE F 106 24.59 33.10 -39.84
CA PHE F 106 24.76 34.03 -40.98
C PHE F 106 25.54 35.32 -40.64
N LYS F 107 26.44 35.69 -41.56
CA LYS F 107 27.49 36.72 -41.33
C LYS F 107 27.25 38.05 -42.07
N LYS F 108 27.43 39.15 -41.34
CA LYS F 108 27.16 40.51 -41.85
C LYS F 108 28.24 40.97 -42.84
N SER F 109 27.92 42.04 -43.58
CA SER F 109 28.91 42.73 -44.41
C SER F 109 29.84 43.50 -43.49
N ASN F 110 29.21 44.29 -42.60
CA ASN F 110 29.89 45.09 -41.58
C ASN F 110 30.95 44.31 -40.77
N ASP F 111 30.61 43.06 -40.43
CA ASP F 111 31.50 42.17 -39.66
C ASP F 111 31.47 40.76 -40.25
N LYS F 112 32.60 40.36 -40.83
CA LYS F 112 32.80 39.01 -41.38
C LYS F 112 33.43 38.07 -40.30
N ARG F 113 33.66 38.63 -39.10
CA ARG F 113 34.14 37.88 -37.90
C ARG F 113 33.00 37.58 -36.89
N ASN F 114 31.85 38.25 -37.03
CA ASN F 114 30.64 37.96 -36.26
C ASN F 114 29.88 36.81 -36.89
N THR F 115 29.15 36.07 -36.03
CA THR F 115 28.08 35.17 -36.51
C THR F 115 26.82 35.21 -35.57
N TYR F 116 25.65 35.37 -36.19
CA TYR F 116 24.36 35.55 -35.52
C TYR F 116 23.63 34.22 -35.67
N VAL F 117 22.38 34.14 -35.21
CA VAL F 117 21.54 32.96 -35.46
C VAL F 117 20.05 33.25 -35.74
N LYS F 118 19.40 32.26 -36.37
CA LYS F 118 17.95 32.22 -36.59
C LYS F 118 17.55 30.81 -37.11
N PHE F 119 16.29 30.43 -37.02
CA PHE F 119 15.85 29.05 -37.37
C PHE F 119 15.91 28.69 -38.88
N THR F 120 15.59 27.44 -39.20
CA THR F 120 15.17 27.02 -40.54
C THR F 120 13.65 26.69 -40.45
N THR F 121 13.03 26.23 -41.54
CA THR F 121 11.62 25.75 -41.50
C THR F 121 11.48 24.53 -40.59
N THR F 122 12.41 23.58 -40.70
CA THR F 122 12.51 22.47 -39.74
C THR F 122 12.74 22.98 -38.31
N GLY F 123 13.41 24.12 -38.19
CA GLY F 123 13.54 24.84 -36.93
C GLY F 123 12.24 25.45 -36.39
N PHE F 124 11.48 26.13 -37.26
CA PHE F 124 10.21 26.77 -36.85
C PHE F 124 9.05 25.75 -36.77
N GLU F 125 9.23 24.60 -37.43
CA GLU F 125 8.44 23.38 -37.14
C GLU F 125 8.42 23.03 -35.65
N PHE F 126 9.45 23.45 -34.92
CA PHE F 126 9.57 23.27 -33.48
C PHE F 126 9.22 24.52 -32.66
N ALA F 127 9.53 25.71 -33.18
CA ALA F 127 9.43 26.98 -32.41
C ALA F 127 8.04 27.31 -31.85
N THR F 128 7.02 27.39 -32.71
CA THR F 128 5.63 27.62 -32.30
C THR F 128 4.99 26.33 -31.82
N ASN F 129 5.27 25.26 -32.55
CA ASN F 129 4.78 23.91 -32.28
C ASN F 129 4.83 23.47 -30.80
N PHE F 130 6.01 23.50 -30.19
CA PHE F 130 6.20 23.12 -28.78
C PHE F 130 6.35 24.35 -27.87
N LYS F 131 5.92 25.52 -28.35
CA LYS F 131 6.11 26.81 -27.66
C LYS F 131 5.50 26.78 -26.26
N ILE F 132 4.30 26.20 -26.17
CA ILE F 132 3.62 26.01 -24.89
C ILE F 132 4.37 24.96 -24.04
N LYS F 133 4.90 23.91 -24.68
CA LYS F 133 5.65 22.88 -23.97
C LYS F 133 6.92 23.46 -23.34
N MET F 134 7.68 24.23 -24.10
CA MET F 134 8.94 24.81 -23.61
C MET F 134 8.75 25.75 -22.41
N GLN F 135 7.62 26.47 -22.33
CA GLN F 135 7.34 27.35 -21.19
C GLN F 135 6.79 26.56 -19.99
N GLU F 136 5.86 25.66 -20.26
CA GLU F 136 5.29 24.79 -19.23
C GLU F 136 6.31 23.73 -18.71
N SER F 137 7.29 23.38 -19.52
CA SER F 137 8.25 22.38 -19.09
C SER F 137 9.00 22.86 -17.87
N PHE F 138 9.38 24.13 -17.89
CA PHE F 138 10.13 24.69 -16.78
C PHE F 138 9.25 25.06 -15.62
N ASP F 139 7.96 25.22 -15.87
CA ASP F 139 7.08 25.70 -14.82
C ASP F 139 6.63 24.69 -13.78
N ASP F 140 6.19 23.52 -14.20
CA ASP F 140 5.63 22.56 -13.26
C ASP F 140 6.45 22.38 -11.98
N ILE F 141 7.71 22.04 -12.12
CA ILE F 141 8.55 21.80 -10.96
C ILE F 141 8.30 22.87 -9.92
N PHE F 142 7.90 24.03 -10.39
CA PHE F 142 7.67 25.17 -9.49
C PHE F 142 6.17 25.47 -9.25
N LYS F 143 5.27 24.62 -9.72
CA LYS F 143 3.84 24.69 -9.34
C LYS F 143 3.65 24.17 -7.90
N ASN F 144 4.12 24.97 -6.94
CA ASN F 144 3.91 24.73 -5.51
C ASN F 144 4.13 26.02 -4.70
N CYS F 145 3.68 27.15 -5.26
CA CYS F 145 3.78 28.49 -4.66
C CYS F 145 2.98 29.52 -5.47
N ASP F 146 2.99 30.77 -5.02
CA ASP F 146 2.17 31.86 -5.57
C ASP F 146 2.97 32.92 -6.38
N GLU F 147 4.29 32.81 -6.35
CA GLU F 147 5.20 33.97 -6.49
C GLU F 147 4.87 35.05 -5.44
N ASN F 148 4.74 34.60 -4.18
CA ASN F 148 4.87 35.45 -2.98
C ASN F 148 6.25 35.22 -2.35
N GLU F 149 6.61 33.95 -2.20
CA GLU F 149 7.99 33.55 -1.93
C GLU F 149 8.90 33.80 -3.13
N LEU F 150 8.47 33.37 -4.32
CA LEU F 150 9.24 33.55 -5.57
C LEU F 150 9.23 34.98 -6.13
N SER F 151 8.43 35.88 -5.54
CA SER F 151 8.61 37.33 -5.72
C SER F 151 9.92 37.74 -5.09
N ASP F 152 10.05 37.43 -3.80
CA ASP F 152 11.26 37.76 -3.04
C ASP F 152 12.42 36.73 -3.16
N LEU F 153 12.23 35.63 -3.90
CA LEU F 153 13.36 34.76 -4.31
C LEU F 153 13.90 35.11 -5.71
N VAL F 154 13.09 35.76 -6.56
CA VAL F 154 13.65 36.53 -7.68
C VAL F 154 14.44 37.69 -7.08
N LYS F 155 13.84 38.37 -6.09
CA LYS F 155 14.46 39.53 -5.40
C LYS F 155 15.74 39.19 -4.59
N ASN F 156 15.91 37.92 -4.22
CA ASN F 156 17.11 37.45 -3.52
C ASN F 156 18.27 37.13 -4.46
N LEU F 157 17.96 36.63 -5.66
CA LEU F 157 18.97 36.33 -6.69
C LEU F 157 19.30 37.51 -7.61
N ARG F 158 18.34 38.41 -7.79
CA ARG F 158 18.61 39.73 -8.41
C ARG F 158 19.48 40.62 -7.48
N ASN F 159 19.52 40.29 -6.18
CA ASN F 159 20.40 40.93 -5.19
C ASN F 159 21.89 40.54 -5.27
N ILE F 160 22.21 39.25 -5.52
CA ILE F 160 23.62 38.76 -5.55
C ILE F 160 24.30 38.94 -6.92
N LEU F 161 23.60 39.48 -7.92
CA LEU F 161 24.26 39.99 -9.13
C LEU F 161 25.27 41.11 -8.81
N ALA F 162 25.12 41.72 -7.62
CA ALA F 162 26.13 42.58 -7.02
C ALA F 162 27.25 41.82 -6.27
N LYS F 163 27.64 40.64 -6.78
CA LYS F 163 28.94 40.05 -6.52
C LYS F 163 29.60 39.61 -7.84
N VAL F 164 29.16 40.18 -8.95
CA VAL F 164 29.57 39.79 -10.30
C VAL F 164 30.43 40.90 -10.88
#